data_8S0R
#
_entry.id   8S0R
#
_cell.length_a   1.00
_cell.length_b   1.00
_cell.length_c   1.00
_cell.angle_alpha   90.00
_cell.angle_beta   90.00
_cell.angle_gamma   90.00
#
_symmetry.space_group_name_H-M   'P 1'
#
loop_
_entity.id
_entity.type
_entity.pdbx_description
1 polymer 'CDK-activating kinase assembly factor MAT1'
2 polymer Cyclin-H
3 polymer 'Cyclin-dependent kinase 7'
4 non-polymer ~{N}-[(1~{S},3~{R})-3-[[5-chloranyl-4-(1~{H}-indol-3-yl)pyrimidin-2-yl]amino]-1-methyl-cyclohexyl]-5-[4-(dimethylamino)butanoylamino]pyridine-2-carboxamide
5 water water
#
loop_
_entity_poly.entity_id
_entity_poly.type
_entity_poly.pdbx_seq_one_letter_code
_entity_poly.pdbx_strand_id
1 'polypeptide(L)'
;SNAPVTFSTGIKMGQHISLAPIHKLEEALYEYQPLQIETYGPHVPELEMLGRLGYLNHVRAASPQDLAGGYTSSLACHRA
LQDAFSGLFWQPS
;
H
2 'polypeptide(L)'
;(ACE)MYHNSSQKRHWTFSSEEQLARLRADANRKFRCKAVANGKVLPNDPVFLEPHEEMTLCKYYEKRLLEFCSVFKPAM
PRSVVGTACMYFKRFYLNNSVMEYHPRIIMLTCAFLACKVDEFNVSSPQFVGNLRESPLGQEKALEQILEYELLLIQQLN
FHLIVHNPYRPFEGFLIDLKTRYPILENPEILRKTADDFLNRIALTDAYLLYTPSQIALTAILSSASRAGITMESYLSES
LMLKENRTCLSQLLDIMKSMRNLVKKYEPPRSEEVAVLKQKLERCHSAELALNVITKKRKGYEDDDYVSKKSKHEEEEWT
DDDLVESL
;
I
3 'polypeptide(L)'
;SNAMALDVKSRAKRYEKLDFLGEGQFATVYKARDKNTNQIVAIKKIKLGHRSEAKDGINRTALREIKLLQELSHPNIIGL
LDAFGHKSNISLVFDFMETDLEVIIKDNSLVLTPSHIKAYMLMTLQGLEYLHQHWILHRDLKPNNLLLDENGVLKLADFG
LAKSFGSPNRAYTHQVVTRWYRAPELLFGARMYGVGVDMWAVGCILAELLLRVPFLPGDSDLDQLTRIFETLGTPTEEQW
PDMCSLPDYVTFKSFPGIPLHHIFSAAGDDLLDLIQGLFLFNPCARITATQALKMKYFSNRPGPTPGCQLPRPNCPVETL
KEQSNPALAIKRKRTEALEQGGLPKKLIF
;
J
#
loop_
_chem_comp.id
_chem_comp.type
_chem_comp.name
_chem_comp.formula
A1H46 non-polymer ~{N}-[(1~{S},3~{R})-3-[[5-chloranyl-4-(1~{H}-indol-3-yl)pyrimidin-2-yl]amino]-1-methyl-cyclohexyl]-5-[4-(dimethylamino)butanoylamino]pyridine-2-carboxamide 'C31 H37 Cl N8 O2'
ACE non-polymer 'ACETYL GROUP' 'C2 H4 O'
#
# COMPACT_ATOMS: atom_id res chain seq x y z
N ALA A 28 3.80 -26.12 -25.41
CA ALA A 28 4.84 -25.46 -24.54
C ALA A 28 4.58 -23.93 -24.45
N LEU A 29 3.93 -23.27 -25.43
CA LEU A 29 3.78 -21.83 -25.45
C LEU A 29 3.04 -21.31 -24.24
N TYR A 30 3.54 -20.21 -23.71
CA TYR A 30 2.77 -19.34 -22.84
C TYR A 30 1.67 -18.69 -23.67
N GLU A 31 0.54 -18.44 -23.03
CA GLU A 31 -0.63 -17.82 -23.59
C GLU A 31 -1.05 -16.78 -22.57
N TYR A 32 -1.25 -15.53 -22.99
CA TYR A 32 -1.76 -14.52 -22.09
C TYR A 32 -3.17 -14.85 -21.59
N GLN A 33 -3.47 -14.49 -20.35
CA GLN A 33 -4.78 -14.58 -19.73
C GLN A 33 -4.75 -13.52 -18.63
N PRO A 34 -5.71 -12.59 -18.59
CA PRO A 34 -5.70 -11.54 -17.57
C PRO A 34 -5.85 -12.07 -16.13
N LEU A 35 -5.39 -11.26 -15.17
CA LEU A 35 -5.67 -11.45 -13.76
C LEU A 35 -7.17 -11.25 -13.53
N GLN A 36 -7.81 -12.27 -12.96
CA GLN A 36 -9.23 -12.25 -12.67
C GLN A 36 -9.32 -12.07 -11.16
N ILE A 37 -9.59 -10.83 -10.73
CA ILE A 37 -9.60 -10.50 -9.32
C ILE A 37 -10.98 -9.95 -9.03
N GLU A 38 -11.70 -10.65 -8.13
CA GLU A 38 -13.08 -10.35 -7.78
C GLU A 38 -13.11 -9.07 -6.96
N THR A 39 -13.67 -8.00 -7.51
CA THR A 39 -13.68 -6.72 -6.85
C THR A 39 -14.93 -6.47 -6.00
N TYR A 40 -15.97 -7.30 -6.14
CA TYR A 40 -17.22 -7.30 -5.39
C TYR A 40 -17.98 -5.99 -5.49
N GLY A 41 -17.97 -5.32 -6.62
CA GLY A 41 -18.81 -4.17 -6.79
C GLY A 41 -19.02 -3.94 -8.26
N PRO A 42 -19.54 -2.78 -8.67
CA PRO A 42 -19.83 -2.45 -10.06
C PRO A 42 -18.64 -2.64 -11.01
N HIS A 43 -18.89 -2.55 -12.31
CA HIS A 43 -17.83 -2.65 -13.30
C HIS A 43 -17.06 -1.35 -13.31
N VAL A 44 -15.74 -1.44 -13.19
CA VAL A 44 -14.90 -0.29 -13.30
C VAL A 44 -14.55 -0.08 -14.78
N PRO A 45 -14.87 1.08 -15.37
CA PRO A 45 -14.51 1.42 -16.75
C PRO A 45 -13.00 1.44 -16.99
N GLU A 46 -12.59 0.89 -18.12
CA GLU A 46 -11.21 0.73 -18.53
C GLU A 46 -10.46 2.07 -18.58
N LEU A 47 -9.17 2.04 -18.24
CA LEU A 47 -8.32 3.21 -18.11
C LEU A 47 -8.32 4.12 -19.34
N GLU A 48 -8.24 3.52 -20.53
CA GLU A 48 -8.27 4.25 -21.78
C GLU A 48 -9.67 4.65 -22.19
N MET A 49 -10.70 3.96 -21.67
CA MET A 49 -12.09 4.35 -21.86
C MET A 49 -12.49 5.62 -21.11
N LEU A 50 -11.82 5.97 -20.00
CA LEU A 50 -12.18 7.04 -19.10
C LEU A 50 -12.34 8.39 -19.78
N GLY A 51 -11.53 8.69 -20.79
CA GLY A 51 -11.59 9.98 -21.47
C GLY A 51 -12.82 10.08 -22.40
N ARG A 52 -13.29 8.93 -22.94
CA ARG A 52 -14.41 8.85 -23.86
C ARG A 52 -15.73 8.73 -23.10
N LEU A 53 -15.72 7.91 -22.05
CA LEU A 53 -16.80 7.81 -21.09
C LEU A 53 -16.98 9.09 -20.25
N GLY A 54 -16.04 10.04 -20.33
CA GLY A 54 -16.21 11.40 -19.86
C GLY A 54 -15.85 11.58 -18.40
N TYR A 55 -15.26 10.59 -17.72
CA TYR A 55 -14.87 10.66 -16.33
C TYR A 55 -13.80 11.72 -16.04
N LEU A 56 -12.88 11.90 -16.96
CA LEU A 56 -11.71 12.74 -16.74
C LEU A 56 -12.01 14.23 -16.70
N ASN A 57 -13.23 14.64 -16.99
CA ASN A 57 -13.71 16.01 -16.81
C ASN A 57 -13.94 16.35 -15.34
N HIS A 58 -13.81 15.35 -14.48
CA HIS A 58 -14.18 15.35 -13.09
C HIS A 58 -13.01 14.88 -12.23
N VAL A 59 -11.78 15.05 -12.72
CA VAL A 59 -10.57 15.07 -11.94
C VAL A 59 -9.76 16.22 -12.52
N ARG A 60 -8.86 16.80 -11.73
CA ARG A 60 -7.87 17.80 -12.16
C ARG A 60 -6.91 17.17 -13.17
N ALA A 61 -6.59 17.94 -14.21
CA ALA A 61 -5.55 17.64 -15.17
C ALA A 61 -4.16 17.48 -14.50
N ALA A 62 -3.44 16.42 -14.88
CA ALA A 62 -2.02 16.30 -14.62
C ALA A 62 -1.28 17.42 -15.33
N SER A 63 -0.34 18.06 -14.64
CA SER A 63 0.49 19.09 -15.23
C SER A 63 1.65 18.43 -15.98
N PRO A 64 2.33 19.19 -16.88
CA PRO A 64 3.39 18.68 -17.73
C PRO A 64 4.48 17.86 -17.05
N GLN A 65 4.94 18.28 -15.88
CA GLN A 65 5.97 17.58 -15.11
C GLN A 65 5.54 16.20 -14.63
N ASP A 66 4.25 16.11 -14.34
CA ASP A 66 3.61 14.89 -13.91
C ASP A 66 3.47 13.99 -15.13
N LEU A 67 2.96 14.54 -16.25
CA LEU A 67 2.84 13.86 -17.55
C LEU A 67 4.19 13.30 -18.02
N ALA A 68 5.21 14.17 -18.04
CA ALA A 68 6.59 13.87 -18.32
C ALA A 68 7.19 12.75 -17.48
N GLY A 69 6.67 12.50 -16.28
CA GLY A 69 7.14 11.43 -15.42
C GLY A 69 6.30 10.18 -15.58
N GLY A 70 5.24 10.24 -16.37
CA GLY A 70 4.36 9.12 -16.63
C GLY A 70 3.14 9.15 -15.73
N TYR A 71 2.83 10.27 -15.11
CA TYR A 71 1.72 10.40 -14.21
C TYR A 71 0.59 11.19 -14.87
N THR A 72 -0.49 10.50 -15.26
CA THR A 72 -1.67 11.10 -15.88
C THR A 72 -2.83 11.20 -14.87
N SER A 73 -3.78 12.08 -15.17
CA SER A 73 -5.02 12.26 -14.43
C SER A 73 -5.89 11.01 -14.46
N SER A 74 -5.82 10.23 -15.54
CA SER A 74 -6.43 8.93 -15.65
C SER A 74 -6.03 7.96 -14.55
N LEU A 75 -4.84 8.08 -13.97
CA LEU A 75 -4.39 7.17 -12.92
C LEU A 75 -5.10 7.44 -11.61
N ALA A 76 -5.24 8.73 -11.27
CA ALA A 76 -6.00 9.20 -10.13
C ALA A 76 -7.46 8.80 -10.23
N CYS A 77 -8.09 9.13 -11.37
CA CYS A 77 -9.46 8.78 -11.72
C CYS A 77 -9.71 7.28 -11.66
N HIS A 78 -8.87 6.49 -12.32
CA HIS A 78 -8.95 5.04 -12.27
C HIS A 78 -8.88 4.49 -10.86
N ARG A 79 -7.93 4.95 -10.05
CA ARG A 79 -7.83 4.49 -8.68
C ARG A 79 -9.04 4.94 -7.82
N ALA A 80 -9.47 6.18 -7.93
CA ALA A 80 -10.66 6.68 -7.24
C ALA A 80 -11.91 5.86 -7.52
N LEU A 81 -12.19 5.61 -8.81
CA LEU A 81 -13.30 4.76 -9.24
C LEU A 81 -13.17 3.32 -8.76
N GLN A 82 -11.98 2.75 -8.77
CA GLN A 82 -11.82 1.42 -8.23
C GLN A 82 -12.01 1.39 -6.73
N ASP A 83 -11.66 2.46 -6.03
CA ASP A 83 -11.83 2.55 -4.59
C ASP A 83 -13.30 2.64 -4.21
N ALA A 84 -14.07 3.41 -4.98
CA ALA A 84 -15.52 3.51 -4.89
C ALA A 84 -16.22 2.20 -5.11
N PHE A 85 -15.82 1.43 -6.10
CA PHE A 85 -16.54 0.22 -6.42
C PHE A 85 -15.99 -1.02 -5.73
N SER A 86 -14.83 -0.97 -5.09
CA SER A 86 -14.29 -2.17 -4.49
C SER A 86 -15.15 -2.54 -3.27
N GLY A 87 -15.53 -3.78 -3.11
CA GLY A 87 -16.18 -4.30 -1.92
C GLY A 87 -17.60 -3.80 -1.70
N LEU A 88 -18.19 -3.05 -2.62
CA LEU A 88 -19.50 -2.43 -2.48
C LEU A 88 -20.66 -3.40 -2.27
N PHE A 89 -20.58 -4.61 -2.81
CA PHE A 89 -21.57 -5.66 -2.69
C PHE A 89 -20.94 -6.84 -1.96
N TRP A 90 -20.05 -6.58 -1.00
CA TRP A 90 -19.54 -7.62 -0.14
C TRP A 90 -20.19 -7.46 1.23
N GLN A 91 -20.31 -8.57 1.96
CA GLN A 91 -20.84 -8.65 3.31
C GLN A 91 -20.05 -9.77 4.01
N PRO A 92 -19.58 -9.60 5.26
CA PRO A 92 -18.75 -10.61 5.94
C PRO A 92 -19.33 -11.99 6.22
C ACE B 1 -4.56 -2.24 -2.26
O ACE B 1 -4.60 -1.01 -2.29
CH3 ACE B 1 -3.30 -2.96 -1.85
H1 ACE B 1 -3.46 -4.03 -1.76
H2 ACE B 1 -2.52 -2.78 -2.58
H3 ACE B 1 -2.96 -2.58 -0.88
N MET B 2 -5.61 -3.01 -2.58
CA MET B 2 -6.96 -2.52 -2.85
C MET B 2 -7.86 -3.22 -1.84
N TYR B 3 -9.02 -2.63 -1.53
CA TYR B 3 -9.89 -3.14 -0.50
C TYR B 3 -10.31 -4.61 -0.64
N HIS B 4 -10.62 -5.08 -1.85
CA HIS B 4 -11.26 -6.37 -2.08
C HIS B 4 -10.42 -7.61 -1.79
N ASN B 5 -9.13 -7.47 -1.56
CA ASN B 5 -8.28 -8.57 -1.12
C ASN B 5 -7.42 -8.18 0.08
N SER B 6 -7.71 -7.04 0.70
CA SER B 6 -6.99 -6.48 1.83
C SER B 6 -7.05 -7.34 3.09
N SER B 7 -6.11 -7.09 4.01
CA SER B 7 -6.19 -7.57 5.37
C SER B 7 -7.35 -6.94 6.16
N GLN B 8 -7.74 -5.70 5.84
CA GLN B 8 -8.87 -5.05 6.46
C GLN B 8 -10.18 -5.81 6.29
N LYS B 9 -10.50 -6.14 5.04
CA LYS B 9 -11.60 -6.98 4.67
C LYS B 9 -11.56 -8.34 5.37
N ARG B 10 -10.38 -8.91 5.37
CA ARG B 10 -10.19 -10.29 5.66
C ARG B 10 -10.25 -10.61 7.15
N HIS B 11 -9.62 -9.77 7.98
CA HIS B 11 -9.47 -10.02 9.40
C HIS B 11 -10.11 -8.94 10.26
N TRP B 12 -10.45 -7.77 9.69
CA TRP B 12 -10.79 -6.58 10.45
C TRP B 12 -12.12 -5.97 10.01
N THR B 13 -13.02 -6.76 9.44
CA THR B 13 -14.38 -6.33 9.16
C THR B 13 -15.25 -7.49 9.62
N PHE B 14 -16.26 -7.17 10.43
CA PHE B 14 -16.93 -8.09 11.34
C PHE B 14 -18.41 -8.13 11.00
N SER B 15 -19.10 -9.20 11.36
CA SER B 15 -20.45 -9.52 10.91
C SER B 15 -21.60 -8.84 11.65
N SER B 16 -21.34 -8.09 12.73
CA SER B 16 -22.31 -7.35 13.55
C SER B 16 -21.62 -6.76 14.79
N GLU B 17 -22.26 -5.77 15.40
CA GLU B 17 -21.90 -5.23 16.70
C GLU B 17 -21.83 -6.26 17.84
N GLU B 18 -22.63 -7.31 17.76
CA GLU B 18 -22.63 -8.38 18.73
C GLU B 18 -21.31 -9.18 18.72
N GLN B 19 -20.65 -9.26 17.56
CA GLN B 19 -19.34 -9.84 17.45
C GLN B 19 -18.30 -8.97 18.14
N LEU B 20 -18.42 -7.64 18.01
CA LEU B 20 -17.51 -6.66 18.58
C LEU B 20 -17.59 -6.67 20.10
N ALA B 21 -18.81 -6.59 20.63
CA ALA B 21 -19.07 -6.70 22.06
C ALA B 21 -18.49 -7.98 22.67
N ARG B 22 -18.58 -9.13 21.99
CA ARG B 22 -17.94 -10.36 22.43
C ARG B 22 -16.40 -10.29 22.48
N LEU B 23 -15.77 -9.55 21.58
CA LEU B 23 -14.33 -9.29 21.59
C LEU B 23 -13.95 -8.39 22.77
N ARG B 24 -14.63 -7.24 22.89
CA ARG B 24 -14.42 -6.30 23.99
C ARG B 24 -14.76 -6.86 25.37
N ALA B 25 -15.80 -7.68 25.49
CA ALA B 25 -16.13 -8.36 26.72
C ALA B 25 -15.00 -9.26 27.18
N ASP B 26 -14.49 -10.12 26.28
CA ASP B 26 -13.34 -10.97 26.56
C ASP B 26 -12.05 -10.18 26.79
N ALA B 27 -11.85 -9.05 26.13
CA ALA B 27 -10.72 -8.14 26.39
C ALA B 27 -10.70 -7.56 27.81
N ASN B 28 -11.86 -7.14 28.33
CA ASN B 28 -12.01 -6.79 29.74
C ASN B 28 -11.88 -8.01 30.68
N ARG B 29 -12.48 -9.15 30.35
CA ARG B 29 -12.42 -10.36 31.17
C ARG B 29 -10.99 -10.90 31.32
N LYS B 30 -10.26 -10.99 30.21
CA LYS B 30 -8.87 -11.39 30.15
C LYS B 30 -7.98 -10.57 31.07
N PHE B 31 -8.23 -9.27 31.08
CA PHE B 31 -7.54 -8.39 31.99
C PHE B 31 -7.83 -8.76 33.44
N ARG B 32 -9.09 -9.00 33.81
CA ARG B 32 -9.46 -9.18 35.20
C ARG B 32 -8.76 -10.38 35.80
N CYS B 33 -8.57 -11.45 35.03
CA CYS B 33 -7.76 -12.59 35.47
C CYS B 33 -6.30 -12.16 35.70
N LYS B 34 -5.74 -11.29 34.85
CA LYS B 34 -4.41 -10.70 35.09
C LYS B 34 -4.37 -9.93 36.40
N ALA B 35 -5.17 -8.88 36.54
CA ALA B 35 -5.18 -8.04 37.72
C ALA B 35 -5.59 -8.74 39.00
N VAL B 36 -6.38 -9.81 38.92
CA VAL B 36 -6.66 -10.72 40.03
C VAL B 36 -5.45 -11.58 40.43
N ALA B 37 -4.69 -12.09 39.46
CA ALA B 37 -3.41 -12.76 39.71
C ALA B 37 -2.28 -11.80 40.16
N ASN B 38 -2.24 -10.58 39.59
CA ASN B 38 -1.28 -9.51 39.89
C ASN B 38 -1.52 -8.91 41.29
N GLY B 39 -2.79 -8.80 41.70
CA GLY B 39 -3.23 -8.47 43.06
C GLY B 39 -3.29 -9.73 43.91
N PRO B 43 -9.29 -11.17 43.63
CA PRO B 43 -10.12 -10.10 44.19
C PRO B 43 -10.99 -9.39 43.11
N ASN B 44 -12.31 -9.44 43.25
CA ASN B 44 -13.27 -8.91 42.26
C ASN B 44 -13.68 -7.48 42.62
N ASP B 45 -12.72 -6.64 43.00
CA ASP B 45 -12.95 -5.31 43.56
C ASP B 45 -13.62 -4.30 42.58
N PRO B 46 -14.17 -3.18 43.13
CA PRO B 46 -14.86 -2.13 42.33
C PRO B 46 -13.96 -1.15 41.54
N VAL B 47 -12.65 -1.39 41.56
CA VAL B 47 -11.66 -0.57 40.86
C VAL B 47 -11.83 -0.69 39.33
N PHE B 48 -12.03 -1.92 38.86
CA PHE B 48 -12.21 -2.30 37.48
C PHE B 48 -13.39 -1.65 36.79
N LEU B 49 -13.14 -1.24 35.56
CA LEU B 49 -14.15 -0.75 34.66
C LEU B 49 -15.01 -1.90 34.12
N GLU B 50 -16.27 -1.59 33.83
CA GLU B 50 -17.15 -2.45 33.06
C GLU B 50 -16.93 -2.21 31.57
N PRO B 51 -17.15 -3.19 30.69
CA PRO B 51 -16.97 -2.98 29.26
C PRO B 51 -17.65 -1.76 28.68
N HIS B 52 -18.84 -1.37 29.17
CA HIS B 52 -19.48 -0.15 28.69
C HIS B 52 -18.74 1.11 29.15
N GLU B 53 -18.09 1.07 30.31
CA GLU B 53 -17.30 2.16 30.86
C GLU B 53 -16.01 2.35 30.07
N GLU B 54 -15.38 1.23 29.71
CA GLU B 54 -14.28 1.25 28.76
C GLU B 54 -14.68 1.76 27.40
N MET B 55 -15.90 1.47 26.95
CA MET B 55 -16.43 2.02 25.73
C MET B 55 -16.60 3.53 25.79
N THR B 56 -17.05 4.08 26.93
CA THR B 56 -17.04 5.50 27.19
C THR B 56 -15.64 6.10 27.18
N LEU B 57 -14.69 5.41 27.82
CA LEU B 57 -13.30 5.83 27.85
C LEU B 57 -12.65 5.82 26.46
N CYS B 58 -12.86 4.76 25.68
CA CYS B 58 -12.40 4.70 24.30
C CYS B 58 -13.10 5.75 23.45
N LYS B 59 -14.40 5.99 23.64
CA LYS B 59 -15.09 7.07 22.94
C LYS B 59 -14.58 8.46 23.31
N TYR B 60 -14.21 8.67 24.58
CA TYR B 60 -13.65 9.93 25.04
C TYR B 60 -12.28 10.15 24.43
N TYR B 61 -11.39 9.15 24.56
CA TYR B 61 -10.02 9.26 24.12
C TYR B 61 -9.87 9.23 22.62
N GLU B 62 -10.80 8.60 21.91
CA GLU B 62 -10.90 8.77 20.48
C GLU B 62 -11.21 10.20 20.07
N LYS B 63 -12.02 10.93 20.83
CA LYS B 63 -12.23 12.35 20.55
C LYS B 63 -10.99 13.19 20.92
N ARG B 64 -10.18 12.74 21.87
CA ARG B 64 -8.87 13.33 22.15
C ARG B 64 -7.84 13.03 21.06
N LEU B 65 -7.86 11.81 20.52
CA LEU B 65 -7.08 11.42 19.35
C LEU B 65 -7.40 12.28 18.14
N LEU B 66 -8.67 12.59 17.87
CA LEU B 66 -9.02 13.54 16.86
C LEU B 66 -8.61 14.97 17.20
N GLU B 67 -8.62 15.39 18.49
CA GLU B 67 -8.13 16.73 18.86
C GLU B 67 -6.66 16.90 18.53
N PHE B 68 -5.85 15.94 18.98
CA PHE B 68 -4.44 15.91 18.74
C PHE B 68 -4.08 15.97 17.27
N CYS B 69 -4.86 15.27 16.45
CA CYS B 69 -4.72 15.24 15.01
C CYS B 69 -5.25 16.49 14.33
N SER B 70 -6.27 17.15 14.86
CA SER B 70 -6.77 18.39 14.27
C SER B 70 -5.86 19.60 14.52
N VAL B 71 -5.21 19.65 15.69
CA VAL B 71 -4.34 20.76 16.08
C VAL B 71 -2.85 20.48 15.75
N PHE B 72 -2.53 19.31 15.21
CA PHE B 72 -1.17 18.89 14.88
C PHE B 72 -0.60 19.82 13.81
N LYS B 73 0.65 20.23 13.99
CA LYS B 73 1.45 20.94 12.99
C LYS B 73 2.65 20.03 12.68
N PRO B 74 2.98 19.74 11.39
CA PRO B 74 2.82 20.58 10.18
C PRO B 74 1.38 20.88 9.71
N ALA B 75 0.68 19.82 9.36
CA ALA B 75 -0.74 19.61 9.16
C ALA B 75 -0.85 18.09 9.26
N MET B 76 -1.95 17.47 8.82
CA MET B 76 -2.05 16.01 8.86
C MET B 76 -3.03 15.58 7.76
N PRO B 77 -2.70 14.54 6.96
CA PRO B 77 -3.66 13.87 6.07
C PRO B 77 -4.83 13.25 6.84
N ARG B 78 -6.08 13.35 6.34
CA ARG B 78 -7.22 12.60 6.90
C ARG B 78 -7.01 11.10 6.86
N SER B 79 -6.25 10.67 5.87
CA SER B 79 -5.69 9.36 5.71
C SER B 79 -4.94 8.94 6.97
N VAL B 80 -4.04 9.78 7.50
CA VAL B 80 -3.26 9.48 8.69
C VAL B 80 -4.17 9.38 9.90
N VAL B 81 -5.06 10.36 10.04
CA VAL B 81 -5.99 10.44 11.15
C VAL B 81 -6.94 9.25 11.19
N GLY B 82 -7.50 8.90 10.03
CA GLY B 82 -8.38 7.77 9.83
C GLY B 82 -7.66 6.47 10.12
N THR B 83 -6.41 6.36 9.72
CA THR B 83 -5.59 5.23 10.07
C THR B 83 -5.29 5.16 11.58
N ALA B 84 -5.03 6.29 12.22
CA ALA B 84 -4.81 6.41 13.66
C ALA B 84 -6.05 6.00 14.46
N CYS B 85 -7.19 6.63 14.14
CA CYS B 85 -8.50 6.32 14.66
C CYS B 85 -8.88 4.86 14.45
N MET B 86 -8.57 4.30 13.29
CA MET B 86 -8.70 2.89 13.04
C MET B 86 -7.80 2.00 13.88
N TYR B 87 -6.52 2.33 14.03
CA TYR B 87 -5.67 1.62 14.97
C TYR B 87 -6.16 1.72 16.41
N PHE B 88 -6.69 2.86 16.79
CA PHE B 88 -7.25 3.09 18.11
C PHE B 88 -8.42 2.16 18.36
N LYS B 89 -9.41 2.16 17.46
CA LYS B 89 -10.51 1.22 17.45
C LYS B 89 -10.08 -0.24 17.49
N ARG B 90 -9.15 -0.61 16.62
CA ARG B 90 -8.64 -1.95 16.50
C ARG B 90 -7.80 -2.39 17.67
N PHE B 91 -7.08 -1.46 18.33
CA PHE B 91 -6.29 -1.77 19.51
C PHE B 91 -7.23 -2.26 20.62
N TYR B 92 -8.27 -1.45 20.83
CA TYR B 92 -9.27 -1.61 21.85
C TYR B 92 -10.38 -2.62 21.58
N LEU B 93 -10.30 -3.37 20.48
CA LEU B 93 -11.08 -4.58 20.32
C LEU B 93 -10.56 -5.74 21.14
N ASN B 94 -9.24 -5.92 21.31
CA ASN B 94 -8.71 -7.10 21.99
C ASN B 94 -7.87 -6.75 23.21
N ASN B 95 -7.84 -5.47 23.58
CA ASN B 95 -7.08 -4.95 24.71
C ASN B 95 -7.93 -3.99 25.54
N SER B 96 -7.66 -4.01 26.83
CA SER B 96 -8.33 -3.33 27.91
C SER B 96 -7.66 -2.00 28.18
N VAL B 97 -8.41 -0.92 28.34
CA VAL B 97 -7.89 0.39 28.68
C VAL B 97 -7.20 0.48 30.05
N MET B 98 -7.31 -0.56 30.87
CA MET B 98 -6.71 -0.66 32.20
C MET B 98 -5.36 -1.38 32.21
N GLU B 99 -4.89 -1.85 31.05
CA GLU B 99 -3.55 -2.39 30.89
C GLU B 99 -2.69 -1.39 30.10
N TYR B 100 -3.29 -0.77 29.09
CA TYR B 100 -2.63 0.14 28.22
C TYR B 100 -3.46 1.37 28.26
N HIS B 101 -2.91 2.43 28.81
CA HIS B 101 -3.68 3.62 29.03
C HIS B 101 -3.95 4.34 27.70
N PRO B 102 -5.21 4.61 27.38
CA PRO B 102 -5.61 5.23 26.12
C PRO B 102 -4.98 6.56 25.76
N ARG B 103 -4.57 7.39 26.73
CA ARG B 103 -3.79 8.61 26.47
C ARG B 103 -2.44 8.35 25.79
N ILE B 104 -1.80 7.23 26.15
CA ILE B 104 -0.51 6.83 25.61
C ILE B 104 -0.76 6.25 24.23
N ILE B 105 -1.59 5.20 24.20
CA ILE B 105 -1.97 4.48 23.01
C ILE B 105 -2.57 5.36 21.92
N MET B 106 -3.29 6.44 22.22
CA MET B 106 -3.73 7.35 21.20
C MET B 106 -2.57 8.09 20.51
N LEU B 107 -1.45 8.29 21.22
CA LEU B 107 -0.27 8.90 20.67
C LEU B 107 0.63 7.85 20.00
N THR B 108 0.68 6.61 20.49
CA THR B 108 1.28 5.52 19.76
C THR B 108 0.58 5.24 18.42
N CYS B 109 -0.76 5.28 18.40
CA CYS B 109 -1.64 5.28 17.24
C CYS B 109 -1.40 6.43 16.27
N ALA B 110 -1.33 7.69 16.68
CA ALA B 110 -0.97 8.78 15.75
C ALA B 110 0.46 8.66 15.16
N PHE B 111 1.42 8.23 15.97
CA PHE B 111 2.84 8.02 15.66
C PHE B 111 3.06 6.92 14.62
N LEU B 112 2.59 5.69 14.87
CA LEU B 112 2.62 4.61 13.91
C LEU B 112 1.90 4.98 12.59
N ALA B 113 0.77 5.68 12.66
CA ALA B 113 0.02 6.08 11.49
C ALA B 113 0.71 7.14 10.66
N CYS B 114 1.43 8.06 11.29
CA CYS B 114 2.25 9.03 10.57
C CYS B 114 3.31 8.34 9.71
N LYS B 115 3.94 7.32 10.27
CA LYS B 115 4.90 6.53 9.55
C LYS B 115 4.29 5.69 8.45
N VAL B 116 3.27 4.89 8.77
CA VAL B 116 2.67 3.96 7.83
C VAL B 116 2.00 4.65 6.65
N ASP B 117 1.39 5.80 6.85
CA ASP B 117 0.84 6.58 5.76
C ASP B 117 1.89 7.47 5.14
N GLU B 118 3.19 7.25 5.43
CA GLU B 118 4.34 7.92 4.84
C GLU B 118 4.22 9.43 4.96
N PHE B 119 3.77 9.91 6.10
CA PHE B 119 3.58 11.31 6.38
C PHE B 119 4.78 11.76 7.19
N ASN B 120 5.60 12.69 6.67
CA ASN B 120 6.88 12.94 7.30
C ASN B 120 6.86 13.92 8.45
N VAL B 121 7.17 13.42 9.64
CA VAL B 121 7.29 14.18 10.85
C VAL B 121 8.21 13.36 11.80
N SER B 122 9.21 13.98 12.42
CA SER B 122 10.18 13.34 13.30
C SER B 122 9.75 13.40 14.77
N SER B 123 10.39 12.60 15.62
CA SER B 123 10.12 12.50 17.04
C SER B 123 10.06 13.82 17.84
N PRO B 124 10.98 14.79 17.65
CA PRO B 124 10.82 16.14 18.20
C PRO B 124 9.61 16.96 17.70
N GLN B 125 9.34 17.04 16.39
CA GLN B 125 8.13 17.74 15.92
C GLN B 125 6.84 16.98 16.27
N PHE B 126 6.91 15.66 16.40
CA PHE B 126 5.82 14.85 16.87
C PHE B 126 5.42 15.24 18.29
N VAL B 127 6.30 15.05 19.28
CA VAL B 127 5.93 15.40 20.66
C VAL B 127 5.86 16.91 20.93
N GLY B 128 6.40 17.73 20.05
CA GLY B 128 6.21 19.17 20.08
C GLY B 128 4.76 19.63 19.95
N ASN B 129 3.82 18.72 19.67
CA ASN B 129 2.38 18.96 19.58
C ASN B 129 1.66 18.57 20.89
N LEU B 130 2.34 17.95 21.84
CA LEU B 130 1.77 17.70 23.16
C LEU B 130 1.84 18.97 24.02
N ARG B 131 0.71 19.43 24.56
CA ARG B 131 0.67 20.51 25.54
C ARG B 131 1.09 20.01 26.92
N GLU B 132 2.41 19.96 27.11
CA GLU B 132 3.16 19.51 28.28
C GLU B 132 4.47 20.31 28.31
N SER B 133 5.28 20.15 29.36
CA SER B 133 6.65 20.68 29.44
C SER B 133 7.59 19.87 28.54
N PRO B 134 8.79 20.35 28.16
CA PRO B 134 9.76 19.50 27.46
C PRO B 134 10.16 18.22 28.22
N LEU B 135 10.04 18.23 29.55
CA LEU B 135 10.14 17.07 30.41
C LEU B 135 8.99 16.09 30.15
N GLY B 136 7.78 16.61 30.02
CA GLY B 136 6.58 15.83 29.80
C GLY B 136 6.53 15.35 28.36
N GLN B 137 6.81 16.24 27.39
CA GLN B 137 6.94 15.95 25.98
C GLN B 137 7.96 14.85 25.72
N GLU B 138 9.15 14.91 26.33
CA GLU B 138 10.14 13.85 26.20
C GLU B 138 9.89 12.63 27.09
N LYS B 139 9.06 12.76 28.12
CA LYS B 139 8.58 11.58 28.84
C LYS B 139 7.59 10.81 27.98
N ALA B 140 6.73 11.53 27.26
CA ALA B 140 5.75 10.95 26.36
C ALA B 140 6.43 10.11 25.28
N LEU B 141 7.52 10.64 24.70
CA LEU B 141 8.32 9.94 23.71
C LEU B 141 8.81 8.58 24.17
N GLU B 142 9.31 8.45 25.39
CA GLU B 142 9.71 7.15 25.94
C GLU B 142 8.61 6.10 25.96
N GLN B 143 7.38 6.53 26.28
CA GLN B 143 6.23 5.65 26.37
C GLN B 143 5.67 5.33 24.98
N ILE B 144 5.69 6.30 24.07
CA ILE B 144 5.34 6.08 22.69
C ILE B 144 6.29 5.06 22.03
N LEU B 145 7.58 5.16 22.28
CA LEU B 145 8.56 4.24 21.71
C LEU B 145 8.54 2.85 22.35
N GLU B 146 8.25 2.75 23.65
CA GLU B 146 8.02 1.48 24.32
C GLU B 146 6.78 0.75 23.82
N TYR B 147 5.73 1.48 23.44
CA TYR B 147 4.49 0.85 23.03
C TYR B 147 4.39 0.60 21.54
N GLU B 148 5.14 1.29 20.67
CA GLU B 148 5.03 1.15 19.23
C GLU B 148 5.12 -0.29 18.70
N LEU B 149 6.00 -1.15 19.19
CA LEU B 149 6.00 -2.56 18.77
C LEU B 149 4.75 -3.30 19.25
N LEU B 150 4.27 -2.97 20.45
CA LEU B 150 3.07 -3.54 21.00
C LEU B 150 1.83 -3.16 20.20
N LEU B 151 1.71 -1.92 19.73
CA LEU B 151 0.63 -1.52 18.85
C LEU B 151 0.60 -2.40 17.60
N ILE B 152 1.68 -2.38 16.81
CA ILE B 152 1.89 -3.22 15.65
C ILE B 152 1.62 -4.72 15.89
N GLN B 153 2.01 -5.29 17.03
CA GLN B 153 1.71 -6.67 17.34
C GLN B 153 0.21 -6.96 17.49
N GLN B 154 -0.54 -6.02 18.05
CA GLN B 154 -1.97 -6.18 18.34
C GLN B 154 -2.84 -5.84 17.13
N LEU B 155 -2.26 -5.20 16.13
CA LEU B 155 -2.82 -4.98 14.80
C LEU B 155 -2.57 -6.17 13.87
N ASN B 156 -1.85 -7.19 14.32
CA ASN B 156 -1.38 -8.36 13.57
C ASN B 156 -0.55 -7.96 12.36
N PHE B 157 0.10 -6.80 12.44
CA PHE B 157 0.92 -6.22 11.41
C PHE B 157 0.09 -5.86 10.16
N HIS B 158 -1.22 -5.67 10.31
CA HIS B 158 -2.09 -5.20 9.23
C HIS B 158 -2.13 -3.70 9.37
N LEU B 159 -1.26 -3.03 8.67
CA LEU B 159 -1.05 -1.63 8.90
C LEU B 159 -1.72 -0.81 7.84
N ILE B 160 -2.08 -1.39 6.70
CA ILE B 160 -2.84 -0.69 5.70
C ILE B 160 -4.30 -0.62 6.13
N VAL B 161 -4.83 0.60 6.14
CA VAL B 161 -6.19 0.86 6.49
C VAL B 161 -6.83 1.51 5.29
N HIS B 162 -7.92 0.91 4.87
CA HIS B 162 -8.78 1.36 3.82
C HIS B 162 -9.82 2.24 4.46
N ASN B 163 -9.71 3.50 4.16
CA ASN B 163 -10.52 4.54 4.72
C ASN B 163 -11.63 4.88 3.74
N PRO B 164 -12.76 5.43 4.22
CA PRO B 164 -13.85 5.85 3.33
C PRO B 164 -13.55 7.00 2.40
N TYR B 165 -12.43 7.70 2.56
CA TYR B 165 -12.22 8.96 1.87
C TYR B 165 -11.93 8.81 0.39
N ARG B 166 -11.18 7.79 -0.02
CA ARG B 166 -10.92 7.56 -1.44
C ARG B 166 -12.16 7.02 -2.19
N PRO B 167 -12.88 6.02 -1.62
CA PRO B 167 -14.22 5.67 -2.06
C PRO B 167 -15.16 6.82 -2.27
N PHE B 168 -15.23 7.72 -1.31
CA PHE B 168 -16.01 8.92 -1.38
C PHE B 168 -15.69 9.82 -2.57
N GLU B 169 -14.41 10.03 -2.89
CA GLU B 169 -14.02 10.76 -4.11
C GLU B 169 -14.35 10.00 -5.40
N GLY B 170 -14.31 8.67 -5.35
CA GLY B 170 -14.70 7.80 -6.45
C GLY B 170 -16.18 7.98 -6.83
N PHE B 171 -17.10 7.88 -5.87
CA PHE B 171 -18.53 8.12 -6.05
C PHE B 171 -18.83 9.52 -6.52
N LEU B 172 -18.08 10.51 -6.07
CA LEU B 172 -18.24 11.85 -6.58
C LEU B 172 -17.85 12.01 -8.05
N ILE B 173 -16.85 11.27 -8.53
CA ILE B 173 -16.43 11.25 -9.93
C ILE B 173 -17.52 10.66 -10.82
N ASP B 174 -18.05 9.54 -10.35
CA ASP B 174 -19.06 8.75 -10.96
C ASP B 174 -20.40 9.47 -11.09
N LEU B 175 -20.88 10.06 -10.01
CA LEU B 175 -22.14 10.77 -9.97
C LEU B 175 -22.12 12.00 -10.86
N LYS B 176 -20.99 12.70 -11.01
CA LYS B 176 -20.92 13.84 -11.92
C LYS B 176 -20.96 13.39 -13.38
N THR B 177 -20.39 12.21 -13.64
CA THR B 177 -20.25 11.64 -14.96
C THR B 177 -21.55 10.99 -15.43
N ARG B 178 -22.08 10.05 -14.65
CA ARG B 178 -23.16 9.18 -15.09
C ARG B 178 -24.29 9.02 -14.08
N TYR B 179 -24.78 10.17 -13.68
CA TYR B 179 -26.06 10.38 -13.04
C TYR B 179 -26.29 11.88 -13.13
N PRO B 180 -26.58 12.38 -14.34
CA PRO B 180 -26.74 13.81 -14.57
C PRO B 180 -28.03 14.39 -13.99
N ILE B 181 -28.90 13.50 -13.48
CA ILE B 181 -30.06 13.81 -12.71
C ILE B 181 -29.72 14.69 -11.50
N LEU B 182 -28.69 14.30 -10.73
CA LEU B 182 -28.18 15.11 -9.64
C LEU B 182 -27.26 16.16 -10.28
N GLU B 183 -27.81 17.33 -10.59
CA GLU B 183 -27.16 18.31 -11.47
C GLU B 183 -25.84 18.88 -10.91
N ASN B 184 -25.70 18.88 -9.58
CA ASN B 184 -24.45 19.18 -8.93
C ASN B 184 -24.27 18.27 -7.71
N PRO B 185 -23.59 17.13 -7.83
CA PRO B 185 -23.41 16.21 -6.69
C PRO B 185 -22.39 16.68 -5.68
N GLU B 186 -21.75 17.83 -5.94
CA GLU B 186 -20.73 18.38 -5.08
C GLU B 186 -21.33 18.92 -3.79
N ILE B 187 -22.53 19.49 -3.88
CA ILE B 187 -23.31 20.02 -2.77
C ILE B 187 -23.59 19.00 -1.67
N LEU B 188 -23.60 17.72 -2.04
CA LEU B 188 -23.73 16.63 -1.09
C LEU B 188 -22.49 16.49 -0.20
N ARG B 189 -21.41 17.24 -0.45
CA ARG B 189 -20.13 16.98 0.17
C ARG B 189 -20.13 17.17 1.67
N LYS B 190 -20.34 18.41 2.13
CA LYS B 190 -20.26 18.82 3.54
C LYS B 190 -21.14 17.93 4.42
N THR B 191 -22.42 17.82 4.12
CA THR B 191 -23.30 16.88 4.76
C THR B 191 -22.83 15.43 4.72
N ALA B 192 -22.26 14.96 3.61
CA ALA B 192 -21.79 13.59 3.55
C ALA B 192 -20.54 13.39 4.39
N ASP B 193 -19.69 14.40 4.36
CA ASP B 193 -18.48 14.56 5.15
C ASP B 193 -18.77 14.63 6.66
N ASP B 194 -19.79 15.42 7.04
CA ASP B 194 -20.36 15.44 8.38
C ASP B 194 -20.88 14.09 8.82
N PHE B 195 -21.63 13.43 7.95
CA PHE B 195 -22.13 12.09 8.20
C PHE B 195 -21.00 11.08 8.36
N LEU B 196 -19.94 11.18 7.55
CA LEU B 196 -18.72 10.35 7.67
C LEU B 196 -18.04 10.45 9.03
N ASN B 197 -17.84 11.67 9.52
CA ASN B 197 -17.36 11.95 10.87
C ASN B 197 -18.21 11.23 11.92
N ARG B 198 -19.53 11.30 11.81
CA ARG B 198 -20.43 10.62 12.72
C ARG B 198 -20.36 9.11 12.61
N ILE B 199 -20.29 8.58 11.40
CA ILE B 199 -20.11 7.16 11.17
C ILE B 199 -18.80 6.68 11.81
N ALA B 200 -17.75 7.50 11.73
CA ALA B 200 -16.45 7.29 12.35
C ALA B 200 -16.49 7.19 13.87
N LEU B 201 -17.42 7.87 14.55
CA LEU B 201 -17.56 7.76 15.99
C LEU B 201 -18.17 6.43 16.44
N THR B 202 -18.76 5.67 15.53
CA THR B 202 -19.42 4.42 15.79
C THR B 202 -18.50 3.28 15.38
N ASP B 203 -19.00 2.05 15.53
CA ASP B 203 -18.30 0.86 15.13
C ASP B 203 -18.38 0.55 13.64
N ALA B 204 -18.99 1.41 12.84
CA ALA B 204 -19.20 1.24 11.42
C ALA B 204 -17.96 0.83 10.64
N TYR B 205 -16.79 1.36 11.03
CA TYR B 205 -15.51 1.08 10.39
C TYR B 205 -15.04 -0.34 10.61
N LEU B 206 -15.63 -1.10 11.51
CA LEU B 206 -15.31 -2.50 11.71
C LEU B 206 -16.40 -3.40 11.12
N LEU B 207 -17.38 -2.82 10.43
CA LEU B 207 -18.62 -3.52 10.09
C LEU B 207 -18.96 -3.40 8.62
N TYR B 208 -18.76 -2.24 8.03
CA TYR B 208 -19.06 -2.00 6.65
C TYR B 208 -17.77 -1.79 5.92
N THR B 209 -17.80 -1.98 4.61
CA THR B 209 -16.65 -1.72 3.80
C THR B 209 -16.52 -0.20 3.59
N PRO B 210 -15.32 0.29 3.29
CA PRO B 210 -15.08 1.69 2.95
C PRO B 210 -16.03 2.27 1.93
N SER B 211 -16.36 1.51 0.89
CA SER B 211 -17.26 1.95 -0.16
C SER B 211 -18.71 2.06 0.31
N GLN B 212 -19.24 1.05 1.00
CA GLN B 212 -20.52 1.06 1.67
C GLN B 212 -20.70 2.25 2.61
N ILE B 213 -19.67 2.56 3.39
CA ILE B 213 -19.62 3.74 4.21
C ILE B 213 -19.69 5.03 3.42
N ALA B 214 -18.88 5.16 2.39
CA ALA B 214 -18.87 6.34 1.54
C ALA B 214 -20.18 6.52 0.78
N LEU B 215 -20.78 5.42 0.34
CA LEU B 215 -22.06 5.44 -0.35
C LEU B 215 -23.20 5.81 0.60
N THR B 216 -23.24 5.24 1.80
CA THR B 216 -24.21 5.59 2.81
C THR B 216 -24.18 7.07 3.16
N ALA B 217 -22.97 7.62 3.33
CA ALA B 217 -22.73 9.01 3.57
C ALA B 217 -23.29 9.93 2.52
N ILE B 218 -23.05 9.61 1.25
CA ILE B 218 -23.55 10.34 0.10
C ILE B 218 -25.07 10.31 -0.05
N LEU B 219 -25.66 9.14 0.15
CA LEU B 219 -27.10 8.94 0.05
C LEU B 219 -27.84 9.53 1.24
N SER B 220 -27.35 9.34 2.47
CA SER B 220 -27.80 10.08 3.65
C SER B 220 -27.82 11.59 3.43
N SER B 221 -26.80 12.12 2.77
CA SER B 221 -26.75 13.49 2.34
C SER B 221 -27.80 13.86 1.30
N ALA B 222 -28.00 13.02 0.28
CA ALA B 222 -29.00 13.24 -0.76
C ALA B 222 -30.42 13.18 -0.21
N SER B 223 -30.73 12.20 0.63
CA SER B 223 -32.01 12.08 1.31
C SER B 223 -32.29 13.26 2.22
N ARG B 224 -31.29 13.70 2.98
CA ARG B 224 -31.36 14.91 3.78
C ARG B 224 -31.53 16.16 2.93
N ALA B 225 -31.04 16.13 1.69
CA ALA B 225 -31.11 17.23 0.74
C ALA B 225 -32.42 17.23 -0.08
N GLY B 226 -33.28 16.22 0.08
CA GLY B 226 -34.53 16.11 -0.65
C GLY B 226 -34.32 15.59 -2.08
N ILE B 227 -33.41 14.63 -2.28
CA ILE B 227 -33.07 14.06 -3.57
C ILE B 227 -33.17 12.55 -3.41
N THR B 228 -33.75 11.89 -4.42
CA THR B 228 -33.85 10.45 -4.45
C THR B 228 -32.90 9.95 -5.51
N MET B 229 -32.15 8.92 -5.16
CA MET B 229 -31.09 8.38 -5.98
C MET B 229 -31.28 6.88 -5.98
N GLU B 230 -32.45 6.47 -6.46
CA GLU B 230 -32.83 5.10 -6.69
C GLU B 230 -32.31 4.62 -8.05
N SER B 231 -32.48 5.45 -9.06
CA SER B 231 -32.05 5.26 -10.42
C SER B 231 -30.54 5.27 -10.56
N TYR B 232 -29.82 5.88 -9.61
CA TYR B 232 -28.36 5.73 -9.53
C TYR B 232 -27.99 4.32 -9.08
N LEU B 233 -28.63 3.76 -8.05
CA LEU B 233 -28.26 2.43 -7.56
C LEU B 233 -28.77 1.30 -8.45
N SER B 234 -29.98 1.48 -8.99
CA SER B 234 -30.62 0.49 -9.83
C SER B 234 -29.95 0.50 -11.20
N GLU B 235 -29.98 1.65 -11.89
CA GLU B 235 -29.51 1.73 -13.24
C GLU B 235 -27.97 1.73 -13.28
N SER B 236 -27.33 2.78 -12.77
CA SER B 236 -25.88 2.97 -12.92
C SER B 236 -25.06 1.89 -12.21
N LEU B 237 -25.41 1.48 -11.00
CA LEU B 237 -24.69 0.35 -10.39
C LEU B 237 -25.21 -1.03 -10.82
N MET B 238 -26.16 -1.06 -11.77
CA MET B 238 -26.74 -2.20 -12.49
C MET B 238 -27.38 -3.24 -11.59
N LEU B 239 -28.10 -2.75 -10.59
CA LEU B 239 -28.94 -3.54 -9.73
C LEU B 239 -30.43 -3.45 -10.14
N LYS B 240 -30.77 -2.78 -11.26
CA LYS B 240 -32.04 -2.98 -11.97
C LYS B 240 -32.11 -4.40 -12.57
N GLU B 241 -30.91 -4.91 -12.87
CA GLU B 241 -30.62 -6.24 -13.36
C GLU B 241 -30.56 -7.24 -12.17
N ASN B 242 -29.54 -7.12 -11.31
CA ASN B 242 -29.39 -7.97 -10.13
C ASN B 242 -30.22 -7.39 -8.98
N ARG B 243 -31.29 -8.09 -8.58
CA ARG B 243 -32.30 -7.59 -7.65
C ARG B 243 -31.94 -7.82 -6.18
N THR B 244 -31.55 -9.05 -5.84
CA THR B 244 -31.12 -9.44 -4.51
C THR B 244 -29.98 -8.56 -3.97
N CYS B 245 -29.12 -8.07 -4.87
CA CYS B 245 -28.08 -7.12 -4.56
C CYS B 245 -28.61 -5.74 -4.18
N LEU B 246 -29.60 -5.18 -4.89
CA LEU B 246 -30.17 -3.87 -4.53
C LEU B 246 -30.81 -3.87 -3.16
N SER B 247 -31.48 -4.95 -2.76
CA SER B 247 -32.01 -5.02 -1.43
C SER B 247 -30.89 -5.09 -0.41
N GLN B 248 -29.92 -5.99 -0.59
CA GLN B 248 -28.79 -6.15 0.32
C GLN B 248 -28.00 -4.86 0.55
N LEU B 249 -27.88 -4.01 -0.46
CA LEU B 249 -27.21 -2.72 -0.35
C LEU B 249 -28.00 -1.75 0.48
N LEU B 250 -29.29 -1.63 0.24
CA LEU B 250 -30.20 -0.80 1.01
C LEU B 250 -30.29 -1.25 2.49
N ASP B 251 -30.22 -2.55 2.77
CA ASP B 251 -30.14 -3.16 4.11
C ASP B 251 -28.85 -2.83 4.84
N ILE B 252 -27.74 -2.73 4.11
CA ILE B 252 -26.48 -2.24 4.61
C ILE B 252 -26.54 -0.72 4.87
N MET B 253 -26.98 0.10 3.91
CA MET B 253 -26.99 1.56 4.10
C MET B 253 -27.97 2.03 5.15
N LYS B 254 -28.96 1.20 5.50
CA LYS B 254 -29.96 1.56 6.49
C LYS B 254 -29.55 1.08 7.88
N SER B 255 -28.91 -0.09 7.99
CA SER B 255 -28.23 -0.52 9.21
C SER B 255 -27.18 0.47 9.71
N MET B 256 -26.50 1.16 8.80
CA MET B 256 -25.56 2.23 9.12
C MET B 256 -26.23 3.50 9.59
N ARG B 257 -27.33 3.92 8.97
CA ARG B 257 -28.05 5.09 9.46
C ARG B 257 -28.57 4.90 10.89
N ASN B 258 -28.90 3.68 11.27
CA ASN B 258 -29.29 3.35 12.63
C ASN B 258 -28.17 3.57 13.62
N LEU B 259 -26.92 3.20 13.30
CA LEU B 259 -25.77 3.44 14.16
C LEU B 259 -25.52 4.91 14.48
N VAL B 260 -25.52 5.78 13.48
CA VAL B 260 -25.37 7.22 13.69
C VAL B 260 -26.56 7.86 14.45
N LYS B 261 -27.70 7.17 14.49
CA LYS B 261 -28.84 7.51 15.31
C LYS B 261 -28.70 6.94 16.74
N LYS B 262 -28.47 5.64 16.93
CA LYS B 262 -28.34 5.03 18.25
C LYS B 262 -26.94 5.12 18.87
N TYR B 263 -26.21 6.19 18.56
CA TYR B 263 -24.94 6.56 19.18
C TYR B 263 -25.27 7.69 20.14
N GLU B 264 -24.68 7.64 21.35
CA GLU B 264 -24.70 8.76 22.29
C GLU B 264 -23.26 9.09 22.66
N PRO B 265 -22.86 10.39 22.62
CA PRO B 265 -21.51 10.79 23.00
C PRO B 265 -21.13 10.45 24.46
N PRO B 266 -19.83 10.52 24.81
CA PRO B 266 -19.38 10.45 26.21
C PRO B 266 -19.97 11.61 27.03
N ARG B 267 -20.64 11.28 28.14
CA ARG B 267 -21.11 12.29 29.08
C ARG B 267 -19.95 12.73 29.98
N SER B 268 -19.64 14.03 30.02
CA SER B 268 -18.57 14.66 30.79
C SER B 268 -18.46 14.21 32.25
N GLU B 269 -19.59 14.08 32.92
CA GLU B 269 -19.73 13.59 34.30
C GLU B 269 -19.25 12.15 34.43
N GLU B 270 -19.68 11.32 33.51
CA GLU B 270 -19.30 9.92 33.43
C GLU B 270 -17.81 9.86 33.13
N VAL B 271 -17.35 10.61 32.12
CA VAL B 271 -15.95 10.70 31.73
C VAL B 271 -15.02 11.10 32.88
N ALA B 272 -15.40 12.13 33.65
CA ALA B 272 -14.70 12.54 34.86
C ALA B 272 -14.51 11.42 35.89
N VAL B 273 -15.59 10.76 36.28
CA VAL B 273 -15.58 9.63 37.20
C VAL B 273 -14.86 8.41 36.64
N LEU B 274 -15.00 8.18 35.34
CA LEU B 274 -14.37 7.05 34.68
C LEU B 274 -12.86 7.22 34.55
N LYS B 275 -12.39 8.44 34.28
CA LYS B 275 -10.97 8.78 34.33
C LYS B 275 -10.37 8.54 35.70
N GLN B 276 -11.03 9.02 36.77
CA GLN B 276 -10.76 8.67 38.16
C GLN B 276 -10.56 7.18 38.37
N LYS B 277 -11.55 6.36 37.98
CA LYS B 277 -11.47 4.91 38.09
C LYS B 277 -10.26 4.32 37.38
N LEU B 278 -10.03 4.79 36.14
CA LEU B 278 -8.96 4.34 35.27
C LEU B 278 -7.60 4.60 35.88
N GLU B 279 -7.38 5.81 36.36
CA GLU B 279 -6.14 6.21 37.00
C GLU B 279 -5.84 5.45 38.28
N ARG B 280 -6.85 5.00 39.02
CA ARG B 280 -6.65 4.08 40.13
C ARG B 280 -6.25 2.67 39.69
N CYS B 281 -6.55 2.27 38.44
CA CYS B 281 -6.02 1.04 37.86
C CYS B 281 -4.56 1.26 37.47
N HIS B 282 -4.24 2.44 36.95
CA HIS B 282 -2.92 2.74 36.42
C HIS B 282 -1.89 3.24 37.42
N SER B 283 -2.30 3.67 38.61
CA SER B 283 -1.38 3.89 39.72
C SER B 283 -0.82 2.55 40.24
N ALA B 284 -1.65 1.51 40.11
CA ALA B 284 -1.38 0.13 40.40
C ALA B 284 -0.98 -0.63 39.12
N GLU B 285 -0.95 -1.98 39.23
CA GLU B 285 -1.11 -2.99 38.15
C GLU B 285 -0.12 -2.82 37.01
N LYS C 13 13.59 -15.63 19.82
CA LYS C 13 12.33 -16.29 19.35
C LYS C 13 12.67 -17.70 18.76
N ARG C 14 11.68 -18.30 18.09
CA ARG C 14 11.62 -19.73 17.71
C ARG C 14 12.46 -20.12 16.48
N TYR C 15 13.47 -19.33 16.15
CA TYR C 15 14.30 -19.49 14.97
C TYR C 15 15.74 -19.71 15.43
N GLU C 16 16.54 -20.44 14.65
CA GLU C 16 17.97 -20.55 14.90
C GLU C 16 18.67 -20.02 13.65
N LYS C 17 19.43 -18.94 13.80
CA LYS C 17 20.27 -18.41 12.75
C LYS C 17 21.30 -19.49 12.35
N LEU C 18 21.28 -19.87 11.07
CA LEU C 18 22.17 -20.88 10.52
C LEU C 18 23.34 -20.22 9.77
N ASP C 19 23.11 -19.14 9.01
CA ASP C 19 24.13 -18.64 8.09
C ASP C 19 23.87 -17.17 7.86
N PHE C 20 24.90 -16.36 7.69
CA PHE C 20 24.74 -14.99 7.27
C PHE C 20 24.68 -15.00 5.75
N LEU C 21 23.69 -14.31 5.18
CA LEU C 21 23.47 -14.29 3.75
C LEU C 21 23.93 -12.94 3.17
N GLY C 22 23.87 -11.84 3.91
CA GLY C 22 24.32 -10.60 3.31
C GLY C 22 23.88 -9.42 4.14
N GLU C 23 24.29 -8.23 3.69
CA GLU C 23 23.81 -6.98 4.22
C GLU C 23 23.04 -6.29 3.12
N GLY C 24 21.91 -5.70 3.49
CA GLY C 24 21.38 -4.56 2.76
C GLY C 24 21.99 -3.31 3.40
N GLN C 25 21.59 -2.13 2.92
CA GLN C 25 21.82 -0.87 3.60
C GLN C 25 21.13 -0.86 4.97
N PHE C 26 19.89 -1.32 5.01
CA PHE C 26 19.01 -1.15 6.16
C PHE C 26 18.93 -2.39 7.07
N ALA C 27 19.52 -3.52 6.66
CA ALA C 27 19.34 -4.77 7.38
C ALA C 27 20.47 -5.74 7.09
N THR C 28 20.52 -6.81 7.85
CA THR C 28 21.42 -7.91 7.63
C THR C 28 20.59 -9.17 7.69
N VAL C 29 20.82 -10.06 6.73
CA VAL C 29 19.91 -11.12 6.39
C VAL C 29 20.58 -12.44 6.67
N TYR C 30 19.85 -13.36 7.27
CA TYR C 30 20.37 -14.64 7.68
C TYR C 30 19.42 -15.76 7.31
N LYS C 31 19.97 -16.91 7.00
CA LYS C 31 19.25 -18.15 6.87
C LYS C 31 18.96 -18.62 8.29
N ALA C 32 17.70 -18.95 8.57
CA ALA C 32 17.28 -19.61 9.78
C ALA C 32 16.36 -20.75 9.43
N ARG C 33 16.14 -21.67 10.36
CA ARG C 33 15.08 -22.67 10.30
C ARG C 33 14.13 -22.38 11.47
N ASP C 34 12.82 -22.31 11.22
CA ASP C 34 11.83 -22.06 12.24
C ASP C 34 11.52 -23.42 12.88
N LYS C 35 11.65 -23.55 14.21
CA LYS C 35 11.67 -24.87 14.86
C LYS C 35 10.35 -25.67 14.69
N ASN C 36 9.26 -24.92 14.55
CA ASN C 36 7.91 -25.38 14.28
C ASN C 36 7.77 -26.10 12.92
N THR C 37 8.45 -25.62 11.87
CA THR C 37 8.12 -26.01 10.49
C THR C 37 9.35 -26.00 9.55
N ASN C 38 9.40 -26.93 8.57
CA ASN C 38 10.40 -26.98 7.49
C ASN C 38 10.30 -25.86 6.44
N GLN C 39 10.19 -24.63 6.91
CA GLN C 39 10.49 -23.45 6.14
C GLN C 39 11.90 -23.08 6.59
N ILE C 40 12.83 -23.02 5.65
CA ILE C 40 14.06 -22.28 5.85
C ILE C 40 13.74 -20.87 5.40
N VAL C 41 14.17 -19.91 6.17
CA VAL C 41 13.67 -18.59 6.06
C VAL C 41 14.86 -17.65 6.03
N ALA C 42 14.72 -16.57 5.31
CA ALA C 42 15.63 -15.45 5.38
C ALA C 42 15.04 -14.47 6.38
N ILE C 43 15.61 -14.37 7.57
CA ILE C 43 15.26 -13.30 8.50
C ILE C 43 16.12 -12.12 8.12
N LYS C 44 15.50 -10.98 7.92
CA LYS C 44 16.13 -9.73 7.60
C LYS C 44 16.06 -8.91 8.88
N LYS C 45 17.05 -9.01 9.77
CA LYS C 45 17.10 -8.15 10.95
C LYS C 45 17.57 -6.75 10.59
N ILE C 46 16.81 -5.77 11.02
CA ILE C 46 17.10 -4.37 10.80
C ILE C 46 18.23 -3.92 11.75
N LYS C 47 19.06 -2.98 11.28
CA LYS C 47 20.14 -2.35 12.03
C LYS C 47 19.70 -0.93 12.40
N LEU C 48 20.20 -0.41 13.54
CA LEU C 48 19.82 0.89 14.12
C LEU C 48 20.72 2.04 13.64
N ALA C 54 18.05 6.46 16.55
CA ALA C 54 17.97 5.63 17.78
C ALA C 54 16.92 6.19 18.80
N LYS C 55 16.07 7.11 18.32
CA LYS C 55 14.91 7.64 19.02
C LYS C 55 13.81 8.01 18.02
N ASP C 56 13.87 7.51 16.78
CA ASP C 56 12.83 7.68 15.77
C ASP C 56 11.83 6.54 15.84
N GLY C 57 12.15 5.46 16.57
CA GLY C 57 11.28 4.32 16.79
C GLY C 57 11.71 3.18 15.88
N ILE C 58 10.79 2.28 15.52
CA ILE C 58 11.01 1.24 14.52
C ILE C 58 11.26 1.83 13.13
N ASN C 59 12.22 1.27 12.41
CA ASN C 59 12.73 1.74 11.13
C ASN C 59 11.62 1.84 10.09
N ARG C 60 11.44 3.00 9.44
CA ARG C 60 10.46 3.22 8.40
C ARG C 60 10.57 2.30 7.19
N THR C 61 11.69 1.61 7.00
CA THR C 61 11.92 0.63 5.96
C THR C 61 11.49 -0.78 6.38
N ALA C 62 11.53 -1.13 7.66
CA ALA C 62 10.93 -2.38 8.11
C ALA C 62 9.40 -2.29 8.07
N LEU C 63 8.86 -1.09 8.29
CA LEU C 63 7.44 -0.83 8.25
C LEU C 63 6.94 -0.84 6.82
N ARG C 64 7.68 -0.22 5.91
CA ARG C 64 7.34 -0.14 4.51
C ARG C 64 7.20 -1.51 3.86
N GLU C 65 8.09 -2.42 4.19
CA GLU C 65 8.02 -3.78 3.74
C GLU C 65 6.87 -4.52 4.40
N ILE C 66 6.68 -4.42 5.73
CA ILE C 66 5.51 -4.96 6.41
C ILE C 66 4.17 -4.48 5.83
N LYS C 67 3.98 -3.18 5.71
CA LYS C 67 2.71 -2.65 5.31
C LYS C 67 2.34 -3.06 3.88
N LEU C 68 3.30 -3.06 2.94
CA LEU C 68 3.02 -3.39 1.56
C LEU C 68 2.94 -4.90 1.34
N LEU C 69 3.73 -5.73 1.99
CA LEU C 69 3.76 -7.16 1.68
C LEU C 69 2.65 -7.97 2.36
N GLN C 70 2.02 -7.47 3.40
CA GLN C 70 0.87 -8.15 4.03
C GLN C 70 -0.38 -8.11 3.13
N GLU C 71 -0.44 -7.14 2.22
CA GLU C 71 -1.55 -6.90 1.35
C GLU C 71 -1.49 -7.69 0.03
N LEU C 72 -0.32 -7.78 -0.58
CA LEU C 72 -0.08 -8.43 -1.86
C LEU C 72 0.02 -9.93 -1.66
N SER C 73 -0.42 -10.74 -2.61
CA SER C 73 -0.20 -12.17 -2.60
C SER C 73 -0.16 -12.64 -4.04
N HIS C 74 0.94 -13.25 -4.46
CA HIS C 74 1.17 -13.60 -5.85
C HIS C 74 2.38 -14.50 -5.88
N PRO C 75 2.47 -15.51 -6.77
CA PRO C 75 3.66 -16.37 -6.76
C PRO C 75 4.94 -15.64 -7.18
N ASN C 76 4.85 -14.52 -7.90
CA ASN C 76 6.01 -13.76 -8.32
C ASN C 76 6.22 -12.48 -7.51
N ILE C 77 5.85 -12.52 -6.23
CA ILE C 77 6.19 -11.54 -5.20
C ILE C 77 6.55 -12.37 -3.98
N ILE C 78 7.59 -11.96 -3.25
CA ILE C 78 8.13 -12.64 -2.07
C ILE C 78 7.06 -12.65 -0.94
N GLY C 79 6.92 -13.78 -0.27
CA GLY C 79 5.93 -13.96 0.78
C GLY C 79 6.58 -13.66 2.11
N LEU C 80 6.16 -12.56 2.75
CA LEU C 80 6.42 -12.23 4.15
C LEU C 80 5.71 -13.24 5.03
N LEU C 81 6.45 -14.04 5.78
CA LEU C 81 5.90 -15.09 6.60
C LEU C 81 5.52 -14.58 8.00
N ASP C 82 6.32 -13.69 8.58
CA ASP C 82 6.27 -13.32 10.00
C ASP C 82 6.95 -11.96 10.16
N ALA C 83 6.78 -11.33 11.31
CA ALA C 83 7.64 -10.30 11.84
C ALA C 83 7.63 -10.42 13.36
N PHE C 84 8.67 -9.93 14.02
CA PHE C 84 8.90 -10.08 15.44
C PHE C 84 10.01 -9.13 15.85
N GLY C 85 10.24 -8.91 17.15
CA GLY C 85 11.21 -7.90 17.57
C GLY C 85 11.16 -7.72 19.07
N HIS C 86 11.73 -6.59 19.53
CA HIS C 86 11.82 -6.08 20.90
C HIS C 86 12.14 -4.61 20.79
N LYS C 87 11.49 -3.75 21.57
CA LYS C 87 11.69 -2.30 21.62
C LYS C 87 11.53 -1.65 20.26
N SER C 88 12.62 -1.17 19.65
CA SER C 88 12.56 -0.52 18.35
C SER C 88 13.18 -1.42 17.26
N ASN C 89 13.49 -2.68 17.59
CA ASN C 89 14.30 -3.55 16.75
C ASN C 89 13.41 -4.70 16.29
N ILE C 90 13.26 -4.86 14.97
CA ILE C 90 12.30 -5.73 14.32
C ILE C 90 13.01 -6.62 13.26
N SER C 91 12.61 -7.89 13.21
CA SER C 91 12.89 -8.88 12.20
C SER C 91 11.74 -8.95 11.21
N LEU C 92 12.00 -9.13 9.90
CA LEU C 92 11.02 -9.54 8.90
C LEU C 92 11.43 -10.92 8.44
N VAL C 93 10.51 -11.87 8.25
CA VAL C 93 10.85 -13.24 7.89
C VAL C 93 10.20 -13.62 6.55
N PHE C 94 10.99 -14.16 5.64
CA PHE C 94 10.63 -14.52 4.29
C PHE C 94 11.00 -15.97 4.09
N ASP C 95 10.41 -16.60 3.06
CA ASP C 95 10.94 -17.83 2.49
C ASP C 95 12.35 -17.61 1.99
N PHE C 96 13.28 -18.49 2.36
CA PHE C 96 14.60 -18.49 1.79
C PHE C 96 14.53 -18.90 0.32
N MET C 97 15.06 -18.04 -0.53
CA MET C 97 15.20 -18.23 -1.95
C MET C 97 16.61 -18.80 -2.14
N GLU C 98 16.77 -19.80 -2.98
CA GLU C 98 18.08 -20.40 -3.23
C GLU C 98 19.07 -19.45 -3.93
N THR C 99 18.60 -18.57 -4.83
CA THR C 99 19.49 -17.78 -5.65
C THR C 99 18.82 -16.49 -6.04
N ASP C 100 19.50 -15.70 -6.87
CA ASP C 100 18.99 -14.45 -7.39
C ASP C 100 19.46 -14.31 -8.82
N LEU C 101 18.87 -13.34 -9.52
CA LEU C 101 19.07 -13.20 -10.94
C LEU C 101 20.43 -12.63 -11.26
N GLU C 102 20.97 -11.75 -10.41
CA GLU C 102 22.31 -11.21 -10.59
C GLU C 102 23.40 -12.26 -10.47
N VAL C 103 23.27 -13.19 -9.55
CA VAL C 103 24.16 -14.33 -9.46
C VAL C 103 24.18 -15.17 -10.76
N ILE C 104 23.00 -15.46 -11.31
CA ILE C 104 22.80 -16.11 -12.60
C ILE C 104 23.44 -15.33 -13.77
N ILE C 105 23.23 -14.02 -13.82
CA ILE C 105 23.80 -13.16 -14.83
C ILE C 105 25.33 -13.19 -14.79
N LYS C 106 25.93 -12.96 -13.63
CA LYS C 106 27.36 -12.97 -13.42
C LYS C 106 27.86 -14.37 -13.06
N ASP C 107 27.31 -15.44 -13.62
CA ASP C 107 27.89 -16.78 -13.52
C ASP C 107 28.31 -17.14 -14.92
N ASN C 108 29.59 -17.03 -15.20
CA ASN C 108 30.19 -17.27 -16.52
C ASN C 108 29.97 -18.68 -17.11
N SER C 109 29.73 -19.70 -16.29
CA SER C 109 29.47 -21.05 -16.75
C SER C 109 28.02 -21.32 -17.19
N LEU C 110 27.08 -20.42 -16.87
CA LEU C 110 25.66 -20.57 -17.20
C LEU C 110 25.39 -20.00 -18.57
N VAL C 111 24.53 -20.64 -19.35
CA VAL C 111 24.19 -20.20 -20.69
C VAL C 111 22.70 -19.87 -20.70
N LEU C 112 22.38 -18.64 -21.02
CA LEU C 112 21.02 -18.16 -21.00
C LEU C 112 20.49 -18.19 -22.43
N THR C 113 19.82 -19.31 -22.75
CA THR C 113 19.10 -19.52 -23.98
C THR C 113 17.90 -18.56 -24.10
N PRO C 114 17.29 -18.41 -25.29
CA PRO C 114 16.11 -17.53 -25.46
C PRO C 114 14.89 -17.91 -24.60
N SER C 115 14.57 -19.19 -24.52
CA SER C 115 13.64 -19.77 -23.57
C SER C 115 13.91 -19.39 -22.09
N HIS C 116 15.18 -19.41 -21.65
CA HIS C 116 15.59 -19.00 -20.31
C HIS C 116 15.33 -17.52 -20.06
N ILE C 117 15.74 -16.67 -20.98
CA ILE C 117 15.47 -15.25 -20.96
C ILE C 117 13.98 -14.94 -21.05
N LYS C 118 13.21 -15.79 -21.74
CA LYS C 118 11.76 -15.71 -21.81
C LYS C 118 11.14 -16.05 -20.47
N ALA C 119 11.62 -17.11 -19.83
CA ALA C 119 11.08 -17.62 -18.59
C ALA C 119 11.30 -16.70 -17.41
N TYR C 120 12.43 -16.00 -17.33
CA TYR C 120 12.67 -14.98 -16.31
C TYR C 120 11.88 -13.73 -16.61
N MET C 121 11.86 -13.25 -17.85
CA MET C 121 11.14 -12.01 -18.17
C MET C 121 9.63 -12.15 -18.04
N LEU C 122 9.14 -13.38 -18.19
CA LEU C 122 7.75 -13.70 -17.99
C LEU C 122 7.37 -13.53 -16.54
N MET C 123 8.08 -14.21 -15.64
CA MET C 123 7.84 -14.14 -14.23
C MET C 123 7.96 -12.74 -13.64
N THR C 124 8.98 -11.96 -14.02
CA THR C 124 9.10 -10.56 -13.65
C THR C 124 7.88 -9.76 -14.02
N LEU C 125 7.39 -9.90 -15.25
CA LEU C 125 6.25 -9.15 -15.73
C LEU C 125 4.95 -9.57 -15.10
N GLN C 126 4.74 -10.84 -14.80
CA GLN C 126 3.57 -11.30 -14.07
C GLN C 126 3.52 -10.80 -12.63
N GLY C 127 4.64 -10.86 -11.90
CA GLY C 127 4.81 -10.30 -10.56
C GLY C 127 4.51 -8.82 -10.57
N LEU C 128 5.07 -8.12 -11.52
CA LEU C 128 4.94 -6.70 -11.69
C LEU C 128 3.59 -6.27 -12.23
N GLU C 129 2.84 -7.17 -12.90
CA GLU C 129 1.49 -6.88 -13.38
C GLU C 129 0.54 -6.77 -12.19
N TYR C 130 0.65 -7.77 -11.31
CA TYR C 130 -0.07 -7.86 -10.07
C TYR C 130 0.20 -6.66 -9.16
N LEU C 131 1.47 -6.29 -9.03
CA LEU C 131 1.94 -5.20 -8.22
C LEU C 131 1.37 -3.86 -8.68
N HIS C 132 1.41 -3.57 -9.96
CA HIS C 132 0.83 -2.37 -10.55
C HIS C 132 -0.70 -2.26 -10.53
N GLN C 133 -1.36 -3.41 -10.57
CA GLN C 133 -2.79 -3.62 -10.46
C GLN C 133 -3.26 -3.18 -9.07
N HIS C 134 -2.48 -3.52 -8.03
CA HIS C 134 -2.66 -3.12 -6.66
C HIS C 134 -1.98 -1.81 -6.33
N TRP C 135 -1.69 -1.01 -7.34
CA TRP C 135 -1.29 0.38 -7.25
C TRP C 135 0.03 0.66 -6.55
N ILE C 136 0.97 -0.30 -6.57
CA ILE C 136 2.28 -0.20 -5.94
C ILE C 136 3.38 -0.20 -7.01
N LEU C 137 4.37 0.68 -6.89
CA LEU C 137 5.63 0.68 -7.64
C LEU C 137 6.70 0.07 -6.74
N HIS C 138 7.48 -0.88 -7.24
CA HIS C 138 8.56 -1.52 -6.48
C HIS C 138 9.71 -0.57 -6.19
N ARG C 139 10.05 0.25 -7.19
CA ARG C 139 11.05 1.29 -7.25
C ARG C 139 12.51 0.89 -7.00
N ASP C 140 12.83 -0.38 -6.82
CA ASP C 140 14.21 -0.78 -6.67
C ASP C 140 14.42 -2.07 -7.44
N LEU C 141 14.02 -2.13 -8.69
CA LEU C 141 14.20 -3.35 -9.47
C LEU C 141 15.61 -3.40 -10.03
N LYS C 142 16.25 -4.53 -9.81
CA LYS C 142 17.57 -4.85 -10.25
C LYS C 142 17.71 -6.35 -10.07
N PRO C 143 18.69 -7.00 -10.70
CA PRO C 143 18.77 -8.45 -10.66
C PRO C 143 18.94 -9.11 -9.30
N ASN C 144 19.58 -8.45 -8.33
CA ASN C 144 19.70 -9.02 -6.96
C ASN C 144 18.38 -8.92 -6.18
N ASN C 145 17.50 -8.01 -6.56
CA ASN C 145 16.14 -7.91 -6.06
C ASN C 145 15.18 -8.77 -6.88
N LEU C 146 15.66 -9.72 -7.68
CA LEU C 146 14.84 -10.73 -8.31
C LEU C 146 15.38 -12.02 -7.80
N LEU C 147 14.74 -12.54 -6.78
CA LEU C 147 15.15 -13.80 -6.21
C LEU C 147 14.53 -14.94 -6.98
N LEU C 148 15.16 -16.09 -7.04
CA LEU C 148 14.68 -17.24 -7.78
C LEU C 148 14.72 -18.39 -6.77
N ASP C 149 13.62 -19.10 -6.55
CA ASP C 149 13.63 -20.24 -5.62
C ASP C 149 14.14 -21.55 -6.30
N GLU C 150 14.25 -22.64 -5.56
CA GLU C 150 14.77 -23.93 -6.04
C GLU C 150 13.76 -24.75 -6.85
N ASN C 151 12.55 -24.21 -7.02
CA ASN C 151 11.54 -24.66 -7.97
C ASN C 151 11.47 -23.71 -9.17
N GLY C 152 12.29 -22.66 -9.17
CA GLY C 152 12.53 -21.85 -10.32
C GLY C 152 11.44 -20.84 -10.52
N VAL C 153 10.78 -20.36 -9.46
CA VAL C 153 9.90 -19.21 -9.59
C VAL C 153 10.69 -17.97 -9.19
N LEU C 154 10.66 -16.96 -10.02
CA LEU C 154 11.20 -15.66 -9.74
C LEU C 154 10.21 -14.91 -8.89
N LYS C 155 10.64 -14.27 -7.81
CA LYS C 155 9.81 -13.40 -6.99
C LYS C 155 10.52 -12.09 -6.88
N LEU C 156 9.84 -10.97 -7.09
CA LEU C 156 10.31 -9.68 -6.64
C LEU C 156 10.55 -9.70 -5.12
N ALA C 157 11.59 -9.04 -4.62
CA ALA C 157 11.97 -8.96 -3.20
C ALA C 157 12.54 -7.57 -2.93
N ASP C 158 12.88 -7.26 -1.66
CA ASP C 158 13.27 -5.93 -1.20
C ASP C 158 12.19 -4.91 -1.50
N PHE C 159 11.12 -4.97 -0.71
CA PHE C 159 10.03 -4.03 -0.81
C PHE C 159 10.25 -2.74 -0.03
N GLY C 160 11.42 -2.64 0.62
CA GLY C 160 11.83 -1.57 1.48
C GLY C 160 11.79 -0.18 0.86
N LEU C 161 11.72 -0.01 -0.46
CA LEU C 161 11.60 1.29 -1.07
C LEU C 161 10.31 1.40 -1.89
N ALA C 162 9.39 0.44 -1.79
CA ALA C 162 8.17 0.41 -2.57
C ALA C 162 7.16 1.46 -2.11
N LYS C 163 6.39 2.04 -3.03
CA LYS C 163 5.42 3.06 -2.69
C LYS C 163 4.18 2.90 -3.56
N SER C 164 3.03 3.22 -3.01
CA SER C 164 1.79 3.32 -3.74
C SER C 164 1.77 4.58 -4.61
N PHE C 165 1.15 4.49 -5.78
CA PHE C 165 1.05 5.59 -6.72
C PHE C 165 -0.40 5.73 -7.11
N GLY C 166 -0.69 6.76 -7.90
CA GLY C 166 -2.03 7.08 -8.34
C GLY C 166 -2.62 8.16 -7.44
N SER C 167 -1.85 8.77 -6.55
CA SER C 167 -2.28 9.85 -5.69
C SER C 167 -1.74 11.18 -6.24
N PRO C 168 -2.62 12.09 -6.72
CA PRO C 168 -2.19 13.34 -7.39
C PRO C 168 -1.46 14.34 -6.47
N ASN C 169 -2.05 14.56 -5.30
CA ASN C 169 -1.58 15.44 -4.23
C ASN C 169 -0.43 14.81 -3.39
N ARG C 170 0.43 13.98 -3.98
CA ARG C 170 1.46 13.22 -3.26
C ARG C 170 2.79 13.29 -3.99
N ALA C 171 3.71 14.17 -3.57
CA ALA C 171 5.07 14.17 -4.08
C ALA C 171 5.83 12.88 -3.68
N TYR C 172 6.52 12.28 -4.64
CA TYR C 172 7.44 11.16 -4.43
C TYR C 172 8.89 11.67 -4.59
N THR C 173 9.88 10.89 -4.13
CA THR C 173 11.31 11.23 -4.29
C THR C 173 11.89 10.52 -5.53
N HIS C 174 12.97 11.09 -6.10
CA HIS C 174 13.91 10.32 -6.92
C HIS C 174 14.97 9.66 -6.00
N GLN C 175 15.97 8.99 -6.58
CA GLN C 175 17.10 8.34 -5.92
C GLN C 175 16.71 6.91 -5.53
N VAL C 176 15.42 6.61 -5.69
CA VAL C 176 14.93 5.30 -6.05
C VAL C 176 15.58 4.78 -7.34
N VAL C 177 15.66 3.46 -7.37
CA VAL C 177 16.51 2.55 -8.11
C VAL C 177 18.03 2.77 -7.96
N THR C 178 18.75 1.66 -7.86
CA THR C 178 20.19 1.58 -7.90
C THR C 178 20.65 2.10 -9.26
N ARG C 179 21.35 3.24 -9.34
CA ARG C 179 21.51 4.12 -10.52
C ARG C 179 21.45 3.49 -11.93
N TRP C 180 22.07 2.35 -12.10
CA TRP C 180 22.21 1.61 -13.33
C TRP C 180 20.90 1.16 -13.97
N TYR C 181 19.86 1.00 -13.16
CA TYR C 181 18.52 0.57 -13.54
C TYR C 181 17.52 1.71 -13.39
N ARG C 182 17.99 2.94 -13.26
CA ARG C 182 17.15 4.10 -13.05
C ARG C 182 16.71 4.73 -14.36
N ALA C 183 15.41 4.98 -14.50
CA ALA C 183 14.76 5.55 -15.64
C ALA C 183 15.09 7.01 -15.82
N PRO C 184 15.23 7.49 -17.04
CA PRO C 184 15.61 8.88 -17.31
C PRO C 184 14.70 9.96 -16.71
N GLU C 185 13.41 9.71 -16.44
CA GLU C 185 12.55 10.66 -15.74
C GLU C 185 12.95 10.74 -14.26
N LEU C 186 13.38 9.64 -13.65
CA LEU C 186 13.96 9.65 -12.33
C LEU C 186 15.37 10.20 -12.29
N LEU C 187 16.16 10.13 -13.36
CA LEU C 187 17.42 10.87 -13.46
C LEU C 187 17.18 12.36 -13.69
N PHE C 188 16.15 12.75 -14.45
CA PHE C 188 15.68 14.13 -14.45
C PHE C 188 14.89 14.53 -13.19
N GLY C 189 14.77 13.64 -12.20
CA GLY C 189 14.32 13.96 -10.86
C GLY C 189 12.82 14.23 -10.78
N ALA C 190 12.02 13.65 -11.66
CA ALA C 190 10.57 13.69 -11.64
C ALA C 190 10.01 13.33 -10.27
N ARG C 191 9.07 14.17 -9.83
CA ARG C 191 8.41 14.13 -8.53
C ARG C 191 7.29 13.11 -8.59
N MET C 192 6.51 13.17 -9.66
CA MET C 192 5.39 12.28 -9.91
C MET C 192 5.81 11.34 -11.00
N TYR C 193 5.50 10.08 -10.87
CA TYR C 193 5.82 9.11 -11.86
C TYR C 193 4.91 7.92 -11.68
N GLY C 194 4.75 7.15 -12.75
CA GLY C 194 3.91 5.96 -12.83
C GLY C 194 4.79 4.73 -12.93
N VAL C 195 4.23 3.64 -13.45
CA VAL C 195 4.80 2.32 -13.56
C VAL C 195 6.01 2.21 -14.49
N GLY C 196 6.24 3.21 -15.33
CA GLY C 196 7.37 3.35 -16.22
C GLY C 196 8.71 3.18 -15.53
N VAL C 197 8.85 3.64 -14.29
CA VAL C 197 10.02 3.45 -13.44
C VAL C 197 10.35 2.00 -13.12
N ASP C 198 9.38 1.10 -13.18
CA ASP C 198 9.63 -0.32 -13.02
C ASP C 198 9.86 -0.95 -14.38
N MET C 199 9.16 -0.47 -15.40
CA MET C 199 9.32 -0.96 -16.76
C MET C 199 10.70 -0.66 -17.35
N TRP C 200 11.30 0.51 -17.09
CA TRP C 200 12.67 0.82 -17.52
C TRP C 200 13.67 -0.14 -16.91
N ALA C 201 13.51 -0.36 -15.62
CA ALA C 201 14.33 -1.26 -14.88
C ALA C 201 14.21 -2.68 -15.40
N VAL C 202 13.03 -3.07 -15.89
CA VAL C 202 12.80 -4.33 -16.56
C VAL C 202 13.53 -4.45 -17.89
N GLY C 203 13.64 -3.34 -18.62
CA GLY C 203 14.43 -3.22 -19.82
C GLY C 203 15.89 -3.42 -19.50
N CYS C 204 16.42 -2.68 -18.51
CA CYS C 204 17.78 -2.78 -18.01
C CYS C 204 18.12 -4.16 -17.51
N ILE C 205 17.17 -4.89 -16.92
CA ILE C 205 17.40 -6.26 -16.50
C ILE C 205 17.40 -7.25 -17.66
N LEU C 206 16.57 -7.01 -18.69
CA LEU C 206 16.52 -7.78 -19.93
C LEU C 206 17.84 -7.71 -20.69
N ALA C 207 18.27 -6.46 -20.92
CA ALA C 207 19.53 -6.11 -21.53
C ALA C 207 20.72 -6.77 -20.83
N GLU C 208 20.66 -6.87 -19.52
CA GLU C 208 21.66 -7.53 -18.73
C GLU C 208 21.59 -9.05 -18.79
N LEU C 209 20.42 -9.67 -18.94
CA LEU C 209 20.31 -11.10 -19.24
C LEU C 209 20.86 -11.46 -20.64
N LEU C 210 20.71 -10.53 -21.58
CA LEU C 210 21.21 -10.64 -22.94
C LEU C 210 22.75 -10.48 -22.99
N LEU C 211 23.29 -9.37 -22.46
CA LEU C 211 24.69 -9.01 -22.54
C LEU C 211 25.56 -9.67 -21.43
N ARG C 212 24.98 -10.09 -20.31
CA ARG C 212 25.64 -10.62 -19.12
C ARG C 212 26.51 -9.63 -18.34
N VAL C 213 26.42 -8.34 -18.68
CA VAL C 213 27.03 -7.24 -17.98
C VAL C 213 25.96 -6.16 -17.84
N PRO C 214 26.02 -5.31 -16.78
CA PRO C 214 25.24 -4.07 -16.70
C PRO C 214 25.17 -3.32 -17.99
N PHE C 215 23.97 -2.96 -18.40
CA PHE C 215 23.75 -2.34 -19.68
C PHE C 215 24.30 -0.93 -19.71
N LEU C 216 24.06 -0.18 -18.64
CA LEU C 216 24.34 1.25 -18.58
C LEU C 216 25.05 1.59 -17.26
N PRO C 217 26.29 1.16 -17.03
CA PRO C 217 26.94 1.33 -15.73
C PRO C 217 27.55 2.71 -15.56
N GLY C 218 26.75 3.76 -15.37
CA GLY C 218 27.25 5.07 -15.02
C GLY C 218 27.70 5.10 -13.56
N ASP C 219 28.36 6.20 -13.17
CA ASP C 219 28.85 6.38 -11.81
C ASP C 219 28.72 7.84 -11.33
N SER C 220 27.85 8.57 -11.99
CA SER C 220 27.20 9.72 -11.47
C SER C 220 25.83 9.67 -12.13
N ASP C 221 24.87 10.37 -11.57
CA ASP C 221 23.55 10.48 -12.19
C ASP C 221 23.61 11.11 -13.58
N LEU C 222 24.62 11.92 -13.86
CA LEU C 222 24.78 12.50 -15.19
C LEU C 222 25.59 11.61 -16.10
N ASP C 223 26.52 10.83 -15.57
CA ASP C 223 27.11 9.75 -16.35
C ASP C 223 26.11 8.62 -16.68
N GLN C 224 25.00 8.51 -15.95
CA GLN C 224 23.93 7.61 -16.31
C GLN C 224 23.09 8.11 -17.49
N LEU C 225 22.73 9.38 -17.50
CA LEU C 225 22.06 10.00 -18.62
C LEU C 225 22.93 10.01 -19.86
N THR C 226 24.25 10.16 -19.70
CA THR C 226 25.21 9.98 -20.77
C THR C 226 25.15 8.59 -21.39
N ARG C 227 25.18 7.53 -20.58
CA ARG C 227 25.23 6.19 -21.09
C ARG C 227 23.92 5.69 -21.65
N ILE C 228 22.78 6.15 -21.10
CA ILE C 228 21.46 6.00 -21.71
C ILE C 228 21.44 6.67 -23.09
N PHE C 229 21.72 7.97 -23.16
CA PHE C 229 21.60 8.71 -24.39
C PHE C 229 22.65 8.34 -25.46
N GLU C 230 23.86 7.91 -25.09
CA GLU C 230 24.85 7.33 -26.01
C GLU C 230 24.27 6.12 -26.72
N THR C 231 23.76 5.21 -25.90
CA THR C 231 23.28 3.92 -26.33
C THR C 231 21.95 3.99 -27.07
N LEU C 232 20.93 4.65 -26.53
CA LEU C 232 19.56 4.64 -27.06
C LEU C 232 19.20 5.93 -27.80
N GLY C 233 20.14 6.83 -27.96
CA GLY C 233 19.95 8.09 -28.66
C GLY C 233 19.43 9.10 -27.65
N THR C 234 19.74 10.37 -27.85
CA THR C 234 19.16 11.39 -27.03
C THR C 234 17.70 11.62 -27.47
N PRO C 235 16.71 11.54 -26.54
CA PRO C 235 15.30 11.79 -26.85
C PRO C 235 15.04 13.13 -27.49
N THR C 236 14.28 13.11 -28.58
CA THR C 236 13.67 14.30 -29.12
C THR C 236 12.38 14.58 -28.32
N GLU C 237 11.83 15.77 -28.54
CA GLU C 237 10.52 16.19 -28.05
C GLU C 237 9.39 15.29 -28.58
N GLU C 238 9.50 14.84 -29.84
CA GLU C 238 8.65 13.87 -30.51
C GLU C 238 8.50 12.59 -29.68
N GLN C 239 9.62 12.09 -29.18
CA GLN C 239 9.69 10.91 -28.34
C GLN C 239 9.40 11.20 -26.86
N TRP C 240 9.26 12.46 -26.43
CA TRP C 240 9.06 12.84 -25.02
C TRP C 240 8.60 14.31 -24.92
N PRO C 241 7.31 14.60 -25.13
CA PRO C 241 6.81 15.98 -25.28
C PRO C 241 7.07 16.98 -24.15
N ASP C 242 7.17 16.51 -22.92
CA ASP C 242 7.17 17.36 -21.73
C ASP C 242 8.40 17.15 -20.88
N MET C 243 9.39 16.39 -21.39
CA MET C 243 10.73 16.12 -20.84
C MET C 243 11.35 17.36 -20.19
N CYS C 244 11.29 18.42 -20.98
CA CYS C 244 11.66 19.81 -20.78
C CYS C 244 11.17 20.47 -19.50
N SER C 245 10.07 19.99 -18.93
CA SER C 245 9.45 20.60 -17.78
C SER C 245 9.83 19.89 -16.49
N LEU C 246 10.53 18.75 -16.59
CA LEU C 246 11.12 18.08 -15.45
C LEU C 246 12.21 18.97 -14.84
N PRO C 247 12.32 18.96 -13.51
CA PRO C 247 13.10 19.98 -12.81
C PRO C 247 14.57 20.04 -13.22
N ASP C 248 15.23 18.87 -13.29
CA ASP C 248 16.67 18.73 -13.57
C ASP C 248 16.96 18.59 -15.06
N TYR C 249 16.03 18.94 -15.94
CA TYR C 249 16.23 18.77 -17.37
C TYR C 249 17.32 19.70 -17.92
N VAL C 250 18.50 19.12 -18.12
CA VAL C 250 19.61 19.72 -18.82
C VAL C 250 19.71 19.06 -20.19
N THR C 251 19.87 19.86 -21.24
CA THR C 251 19.94 19.43 -22.62
C THR C 251 21.29 18.77 -22.92
N PHE C 252 21.30 17.81 -23.85
CA PHE C 252 22.45 16.96 -24.16
C PHE C 252 22.90 17.13 -25.61
N LYS C 253 24.10 16.58 -25.91
CA LYS C 253 24.50 16.33 -27.28
C LYS C 253 23.56 15.29 -27.91
N SER C 254 23.22 15.47 -29.18
CA SER C 254 22.38 14.55 -29.93
C SER C 254 23.19 13.31 -30.28
N PHE C 255 23.47 12.48 -29.26
CA PHE C 255 24.01 11.14 -29.36
C PHE C 255 23.16 10.31 -30.30
N PRO C 256 23.80 9.45 -31.13
CA PRO C 256 23.12 8.87 -32.28
C PRO C 256 22.12 7.80 -31.87
N GLY C 257 22.51 7.03 -30.87
CA GLY C 257 21.84 5.83 -30.49
C GLY C 257 22.38 4.75 -31.40
N ILE C 258 22.80 3.66 -30.81
CA ILE C 258 23.19 2.47 -31.50
C ILE C 258 21.86 1.73 -31.75
N PRO C 259 21.56 1.32 -33.01
CA PRO C 259 20.35 0.52 -33.30
C PRO C 259 20.32 -0.79 -32.51
N LEU C 260 19.17 -1.19 -31.99
CA LEU C 260 19.07 -2.23 -30.97
C LEU C 260 19.57 -3.60 -31.43
N HIS C 261 19.49 -3.86 -32.74
CA HIS C 261 20.04 -5.08 -33.35
C HIS C 261 21.55 -5.04 -33.45
N HIS C 262 22.17 -3.86 -33.36
CA HIS C 262 23.62 -3.76 -33.25
C HIS C 262 24.06 -4.03 -31.81
N ILE C 263 23.23 -3.68 -30.82
CA ILE C 263 23.52 -3.91 -29.40
C ILE C 263 23.28 -5.37 -29.05
N PHE C 264 22.10 -5.87 -29.37
CA PHE C 264 21.70 -7.24 -29.12
C PHE C 264 21.57 -7.79 -30.52
N SER C 265 22.66 -8.31 -31.07
CA SER C 265 22.68 -8.86 -32.41
C SER C 265 22.10 -10.28 -32.49
N ALA C 266 22.06 -10.97 -31.34
CA ALA C 266 21.48 -12.32 -31.22
C ALA C 266 19.96 -12.34 -31.09
N ALA C 267 19.31 -11.16 -31.02
CA ALA C 267 17.88 -11.00 -30.79
C ALA C 267 17.09 -11.15 -32.09
N GLY C 268 15.85 -11.62 -31.98
CA GLY C 268 14.90 -11.70 -33.09
C GLY C 268 13.97 -10.51 -32.94
N ASP C 269 13.29 -10.13 -34.02
CA ASP C 269 12.47 -8.92 -34.09
C ASP C 269 11.30 -8.89 -33.10
N ASP C 270 10.88 -10.07 -32.62
CA ASP C 270 9.93 -10.22 -31.54
C ASP C 270 10.49 -9.63 -30.22
N LEU C 271 11.66 -10.10 -29.80
CA LEU C 271 12.42 -9.67 -28.64
C LEU C 271 12.90 -8.24 -28.77
N LEU C 272 13.24 -7.80 -29.98
CA LEU C 272 13.64 -6.43 -30.22
C LEU C 272 12.47 -5.48 -30.11
N ASP C 273 11.25 -5.92 -30.41
CA ASP C 273 10.02 -5.17 -30.13
C ASP C 273 9.74 -5.05 -28.65
N LEU C 274 9.92 -6.14 -27.89
CA LEU C 274 9.80 -6.12 -26.45
C LEU C 274 10.75 -5.09 -25.85
N ILE C 275 12.06 -5.30 -26.08
CA ILE C 275 13.16 -4.45 -25.64
C ILE C 275 12.92 -3.01 -26.00
N GLN C 276 12.50 -2.75 -27.23
CA GLN C 276 12.23 -1.41 -27.69
C GLN C 276 11.13 -0.76 -26.87
N GLY C 277 10.06 -1.50 -26.56
CA GLY C 277 8.90 -0.98 -25.87
C GLY C 277 9.25 -0.57 -24.44
N LEU C 278 10.12 -1.37 -23.80
CA LEU C 278 10.67 -1.15 -22.48
C LEU C 278 11.56 0.08 -22.37
N PHE C 279 12.22 0.49 -23.45
CA PHE C 279 13.19 1.57 -23.46
C PHE C 279 12.66 2.83 -24.07
N LEU C 280 11.36 2.96 -24.29
CA LEU C 280 10.77 4.18 -24.78
C LEU C 280 11.00 5.30 -23.76
N PHE C 281 11.47 6.46 -24.22
CA PHE C 281 11.73 7.62 -23.38
C PHE C 281 10.48 8.18 -22.77
N ASN C 282 9.39 8.22 -23.51
CA ASN C 282 8.13 8.67 -22.94
C ASN C 282 7.66 7.65 -21.89
N PRO C 283 7.59 8.02 -20.60
CA PRO C 283 7.16 7.05 -19.58
C PRO C 283 5.68 6.65 -19.69
N CYS C 284 4.88 7.43 -20.43
CA CYS C 284 3.52 7.13 -20.80
C CYS C 284 3.48 6.12 -21.94
N ALA C 285 4.33 6.28 -22.97
CA ALA C 285 4.35 5.35 -24.10
C ALA C 285 5.10 4.05 -23.81
N ARG C 286 5.93 4.01 -22.77
CA ARG C 286 6.64 2.83 -22.34
C ARG C 286 5.64 1.73 -22.00
N ILE C 287 5.84 0.55 -22.55
CA ILE C 287 4.85 -0.50 -22.44
C ILE C 287 4.66 -0.90 -20.98
N THR C 288 3.41 -1.01 -20.54
CA THR C 288 3.09 -1.50 -19.21
C THR C 288 3.37 -2.99 -19.10
N ALA C 289 3.25 -3.56 -17.92
CA ALA C 289 3.50 -4.98 -17.71
C ALA C 289 2.45 -5.86 -18.39
N THR C 290 1.25 -5.34 -18.59
CA THR C 290 0.16 -6.05 -19.24
C THR C 290 0.36 -6.01 -20.75
N GLN C 291 0.62 -4.83 -21.30
CA GLN C 291 0.97 -4.63 -22.68
C GLN C 291 2.12 -5.51 -23.13
N ALA C 292 3.15 -5.56 -22.31
CA ALA C 292 4.32 -6.37 -22.47
C ALA C 292 4.02 -7.85 -22.52
N LEU C 293 3.12 -8.35 -21.68
CA LEU C 293 2.79 -9.76 -21.64
C LEU C 293 1.99 -10.25 -22.86
N LYS C 294 1.27 -9.34 -23.49
CA LYS C 294 0.49 -9.54 -24.71
C LYS C 294 1.28 -9.30 -26.01
N MET C 295 2.60 -9.07 -25.95
CA MET C 295 3.42 -8.95 -27.16
C MET C 295 3.75 -10.34 -27.68
N LYS C 296 3.97 -10.41 -29.01
CA LYS C 296 4.17 -11.67 -29.71
C LYS C 296 5.35 -12.45 -29.23
N TYR C 297 6.40 -11.80 -28.74
CA TYR C 297 7.56 -12.40 -28.08
C TYR C 297 7.20 -13.52 -27.12
N PHE C 298 6.24 -13.30 -26.23
CA PHE C 298 5.93 -14.29 -25.22
C PHE C 298 5.10 -15.46 -25.73
N SER C 299 4.27 -15.25 -26.75
CA SER C 299 3.44 -16.28 -27.33
C SER C 299 4.15 -17.05 -28.44
N ASN C 300 5.05 -16.41 -29.19
CA ASN C 300 5.96 -16.99 -30.17
C ASN C 300 6.73 -18.17 -29.68
N ARG C 301 7.20 -18.97 -30.62
CA ARG C 301 8.13 -20.04 -30.36
C ARG C 301 9.55 -19.46 -30.15
N PRO C 302 10.40 -20.11 -29.34
CA PRO C 302 10.08 -21.25 -28.47
C PRO C 302 9.31 -20.81 -27.23
N GLY C 303 8.72 -21.76 -26.51
CA GLY C 303 8.02 -21.49 -25.27
C GLY C 303 9.01 -21.23 -24.13
N PRO C 304 8.59 -20.52 -23.07
CA PRO C 304 9.48 -20.20 -21.95
C PRO C 304 9.88 -21.46 -21.25
N THR C 305 11.14 -21.57 -20.80
CA THR C 305 11.59 -22.76 -20.12
C THR C 305 10.70 -22.98 -18.90
N PRO C 306 10.14 -24.18 -18.72
CA PRO C 306 9.42 -24.49 -17.49
C PRO C 306 10.36 -24.33 -16.30
N GLY C 307 10.01 -23.50 -15.30
CA GLY C 307 10.81 -23.12 -14.13
C GLY C 307 11.67 -24.24 -13.54
N CYS C 308 11.21 -25.48 -13.62
CA CYS C 308 11.93 -26.66 -13.22
C CYS C 308 13.28 -26.89 -13.92
N GLN C 309 13.37 -26.45 -15.17
CA GLN C 309 14.53 -26.64 -16.03
C GLN C 309 15.48 -25.44 -16.07
N LEU C 310 15.08 -24.27 -15.59
CA LEU C 310 15.95 -23.09 -15.44
C LEU C 310 17.30 -23.42 -14.71
N PRO C 311 18.41 -22.77 -15.13
CA PRO C 311 19.76 -23.19 -14.76
C PRO C 311 20.15 -22.85 -13.32
N ARG C 312 20.62 -23.83 -12.57
CA ARG C 312 20.85 -23.71 -11.13
C ARG C 312 22.38 -23.66 -10.92
N PRO C 313 22.93 -22.56 -10.35
CA PRO C 313 24.38 -22.40 -10.24
C PRO C 313 24.92 -23.26 -9.14
N ASN C 314 25.57 -24.40 -9.44
CA ASN C 314 26.17 -25.25 -8.40
C ASN C 314 27.49 -24.64 -7.95
N CYS C 315 27.32 -23.53 -7.22
CA CYS C 315 28.30 -22.50 -6.83
C CYS C 315 28.56 -21.65 -8.07
C10 A1H46 D . 28.58 -24.12 -3.65
N12 A1H46 D . 26.51 -25.74 -3.83
C13 A1H46 D . 27.10 -26.70 -4.89
C17 A1H46 D . 25.19 -18.29 -2.40
C20 A1H46 D . 22.44 -14.88 -0.63
C21 A1H46 D . 21.50 -14.81 -2.96
C22 A1H46 D . 20.45 -13.70 -2.73
C24 A1H46 D . 19.41 -15.16 -0.95
C26 A1H46 D . 17.26 -14.86 0.23
C28 A1H46 D . 15.14 -14.38 0.96
C02 A1H46 D . 23.01 -17.80 -1.24
C03 A1H46 D . 24.04 -18.75 -1.75
C05 A1H46 D . 24.82 -20.94 -1.75
C06 A1H46 D . 26.01 -20.56 -2.34
C08 A1H46 D . 28.13 -21.56 -3.17
C09 A1H46 D . 29.02 -22.79 -2.94
C11 A1H46 D . 27.04 -24.30 -3.81
C14 A1H46 D . 24.98 -25.72 -3.93
C16 A1H46 D . 26.19 -19.20 -2.69
C19 A1H46 D . 21.75 -15.70 -1.74
C23 A1H46 D . 19.14 -14.30 -2.19
C29 A1H46 D . 15.50 -13.05 1.19
C31 A1H46 D . 16.80 -12.69 0.85
C32 A1H46 D . 17.42 -11.34 0.81
C33 A1H46 D . 16.77 -10.15 0.59
C35 A1H46 D . 18.94 -9.62 0.74
C36 A1H46 D . 18.82 -11.02 0.91
C37 A1H46 D . 19.99 -11.76 1.15
C38 A1H46 D . 21.23 -11.12 1.16
C39 A1H46 D . 21.31 -9.75 0.95
C40 A1H46 D . 20.17 -8.96 0.79
C42 A1H46 D . 20.36 -16.26 -1.36
N04 A1H46 D . 23.83 -20.06 -1.46
N07 A1H46 D . 27.00 -21.53 -2.45
N18 A1H46 D . 22.68 -16.78 -2.05
N25 A1H46 D . 18.18 -15.71 -0.39
N27 A1H46 D . 16.01 -15.29 0.47
N34 A1H46 D . 17.68 -9.14 0.53
N41 A1H46 D . 17.67 -13.61 0.45
O01 A1H46 D . 22.56 -17.95 -0.11
O15 A1H46 D . 28.46 -20.69 -3.97
CL30 A1H46 D . 14.35 -11.93 1.78
HC10 A1H46 D . 28.89 -24.90 -2.96
H132 A1H46 D . 26.94 -26.24 -5.86
H131 A1H46 D . 26.57 -27.64 -4.81
H133 A1H46 D . 28.16 -26.84 -4.67
HC17 A1H46 D . 25.34 -17.24 -2.59
H201 A1H46 D . 22.51 -15.44 0.30
H203 A1H46 D . 21.91 -13.96 -0.38
H202 A1H46 D . 23.45 -14.59 -0.91
H211 A1H46 D . 21.17 -15.42 -3.80
H212 A1H46 D . 22.44 -14.36 -3.29
H222 A1H46 D . 20.83 -12.96 -2.02
H221 A1H46 D . 20.25 -13.13 -3.64
HC24 A1H46 D . 19.87 -14.55 -0.18
HC28 A1H46 D . 14.13 -14.72 1.15
HC05 A1H46 D . 24.63 -21.96 -1.46
H092 A1H46 D . 30.05 -22.54 -3.20
H091 A1H46 D . 29.04 -22.97 -1.87
H112 A1H46 D . 26.54 -23.94 -2.91
H111 A1H46 D . 26.64 -23.78 -4.68
H143 A1H46 D . 24.71 -25.29 -4.89
H142 A1H46 D . 24.60 -25.11 -3.10
H141 A1H46 D . 24.62 -26.75 -3.83
HC16 A1H46 D . 27.11 -18.86 -3.13
H232 A1H46 D . 18.46 -13.48 -1.97
H231 A1H46 D . 18.66 -14.90 -2.97
HC33 A1H46 D . 15.73 -9.94 0.40
HC37 A1H46 D . 19.95 -12.82 1.29
HC38 A1H46 D . 22.13 -11.69 1.29
HC39 A1H46 D . 22.27 -9.27 0.93
HC40 A1H46 D . 20.25 -7.90 0.63
H422 A1H46 D . 19.94 -16.87 -2.18
H421 A1H46 D . 20.44 -16.95 -0.52
HN07 A1H46 D . 26.82 -22.37 -1.91
HN18 A1H46 D . 23.02 -16.82 -2.99
HN25 A1H46 D . 17.86 -16.61 -0.75
HN34 A1H46 D . 17.41 -8.19 0.29
HN12 A1H46 D . 26.74 -26.14 -2.93
#